data_7ZGO
#
_entry.id   7ZGO
#
_cell.length_a   1.00
_cell.length_b   1.00
_cell.length_c   1.00
_cell.angle_alpha   90.00
_cell.angle_beta   90.00
_cell.angle_gamma   90.00
#
_symmetry.space_group_name_H-M   'P 1'
#
loop_
_entity.id
_entity.type
_entity.pdbx_description
1 polymer 'Solute carrier family 12 member 2'
2 non-polymer 'SODIUM ION'
3 non-polymer 'POTASSIUM ION'
4 non-polymer 'CHLORIDE ION'
5 non-polymer '(2S)-3-(hexadecanoyloxy)-2-[(9Z)-octadec-9-enoyloxy]propyl 2-(trimethylammonio)ethyl phosphate'
6 non-polymer 'CHOLESTEROL HEMISUCCINATE'
7 water water
#
_entity_poly.entity_id   1
_entity_poly.type   'polypeptide(L)'
_entity_poly.pdbx_seq_one_letter_code
;GPAAAEPRPTAPSSGAPGLAGVGETPSAAALAAARVELPGTAVPSVPEDAAPASRDGGGVRDEGPAAAGDGLGRPLGPTP
SQSRFQVDLVSENAGRAAAAAAAAAAAAAAAGAGAGAKQTPADGEASGESEPAKGSEEAKGRFRVNFVDPAASSSAEDSL
SDAAGVGVDGPNVSFQNGGDTVLSEGSSLHSGGGGGSGHHQHYYYDTHTNTYYLRTFGHNTMDAVPRIDHYRHTAAQLGE
KLLRPSLAELHDELEKEPFEDGFANGEESTPTRDAVVTYTAESKGVVKFGWIKGVLVRCMLNIWGVMLFIRLSWIVGQAG
IGLSVLVIMMATVVTTITGLSTSAIATNGFVRGGGAYYLISRSLGPEFGGAIGLIFAFANAVAVAMYVVGFAETVVELLK
EHSILMIDEINDIRIIGAITVVILLGISVAGMEWEAKAQIVLLVILLLAIGDFVIGTFIPLESKKPKGFFGYKSEIFNEN
FGPDFREEETFFSVFAIFFPAATGILAGANISGDLADPQSAIPKGTLLAILITTLVYVGIAVSVGSCVVRDATGNVNDTI
VTELTNCTSAACKLNFDFSSCESSPCSYGLMNNFQVMSMVSGFTPLISAGIFSATLSSALASLVSAPKIFQALCKDNIYP
AFQMFAKGYGKNNEPLRGYILTFLIALGFILIAELNVIAPIISNFFLASYALINFSVFHASLAKSPGWRPAFKYYNMWIS
LLGAILCCIVMFVINWWAALLTYVIVLGLYIYVTYKKPDVNWGSSTQALTYLNALQHSIRLSGVEDHVKNFRPQCLVMTG
APNSRPALLHLVHDFTKNVGLMICGHVHMGPRRQAMKEMSIDQAKYQRWLIKNKMKAFYAPVHADDLREGAQYLMQAAGL
GRMKPNTLVLGFKKDWLQADMRDVDMYINLFHDAFDIQYGVVVIRLKEGLDISHLQGQEELLSSQEKSPGTKDVVVSVEY
SKKSDLDTSKPLSEKPITHKVEEEDGKTATQPLLKKESKGPIVPLNVADQKLLEASTQFQKKQGKNTIDVWWLFDDGGLT
LLIPYLLTTKKKWKDCKIRVFIGGKINRIDHDRRAMATLLSKFRIDFSDIMVLGDINTKPKKENIIAFEEIIEPYRLHED
DKEQDIADKMKEDEPWRITDNELELYKTKTYRQIRLNELLKEHSSTANIIVMSLPVARKGAVSSALYMAWLEALSKDLPP
ILLVRGNHQSVLTFYS
;
_entity_poly.pdbx_strand_id   A,B
#
loop_
_chem_comp.id
_chem_comp.type
_chem_comp.name
_chem_comp.formula
CL non-polymer 'CHLORIDE ION' 'Cl -1'
K non-polymer 'POTASSIUM ION' 'K 1'
NA non-polymer 'SODIUM ION' 'Na 1'
POV non-polymer '(2S)-3-(hexadecanoyloxy)-2-[(9Z)-octadec-9-enoyloxy]propyl 2-(trimethylammonio)ethyl phosphate' 'C42 H82 N O8 P'
Y01 non-polymer 'CHOLESTEROL HEMISUCCINATE' 'C31 H50 O4'
#
# COMPACT_ATOMS: atom_id res chain seq x y z
N LYS A 288 9.54 31.84 33.36
CA LYS A 288 9.42 30.75 32.41
C LYS A 288 10.32 30.96 31.20
N PHE A 289 9.89 30.46 30.05
CA PHE A 289 10.64 30.56 28.80
C PHE A 289 9.92 31.48 27.84
N GLY A 290 10.65 32.44 27.28
CA GLY A 290 10.12 33.25 26.22
C GLY A 290 9.92 32.45 24.95
N TRP A 291 9.28 33.07 23.96
CA TRP A 291 8.94 32.34 22.75
C TRP A 291 10.19 31.85 22.02
N ILE A 292 11.22 32.70 21.93
CA ILE A 292 12.44 32.33 21.21
C ILE A 292 13.08 31.13 21.87
N LYS A 293 13.54 31.30 23.11
CA LYS A 293 14.28 30.24 23.79
C LYS A 293 13.41 29.04 24.13
N GLY A 294 12.10 29.16 24.02
CA GLY A 294 11.22 28.08 24.41
C GLY A 294 10.66 27.28 23.25
N VAL A 295 10.63 27.86 22.05
CA VAL A 295 10.12 27.18 20.87
C VAL A 295 11.13 27.20 19.73
N LEU A 296 11.63 28.39 19.39
CA LEU A 296 12.41 28.53 18.16
C LEU A 296 13.73 27.78 18.26
N VAL A 297 14.46 27.99 19.37
CA VAL A 297 15.76 27.35 19.52
C VAL A 297 15.61 25.84 19.60
N ARG A 298 14.64 25.36 20.39
CA ARG A 298 14.46 23.92 20.53
C ARG A 298 14.00 23.28 19.22
N CYS A 299 13.11 23.95 18.48
CA CYS A 299 12.67 23.40 17.20
C CYS A 299 13.81 23.35 16.20
N MET A 300 14.64 24.40 16.12
CA MET A 300 15.77 24.35 15.21
C MET A 300 16.77 23.27 15.62
N LEU A 301 17.01 23.12 16.93
CA LEU A 301 17.96 22.10 17.37
C LEU A 301 17.44 20.69 17.11
N ASN A 302 16.13 20.48 17.24
CA ASN A 302 15.59 19.15 16.97
C ASN A 302 15.54 18.87 15.47
N ILE A 303 15.20 19.89 14.66
CA ILE A 303 15.15 19.69 13.22
C ILE A 303 16.54 19.45 12.65
N TRP A 304 17.50 20.30 13.01
CA TRP A 304 18.87 20.17 12.52
C TRP A 304 19.53 19.00 13.24
N GLY A 305 19.55 17.84 12.59
CA GLY A 305 20.12 16.66 13.21
C GLY A 305 21.19 15.99 12.39
N VAL A 306 20.95 14.73 12.04
CA VAL A 306 21.98 13.91 11.41
C VAL A 306 22.07 14.13 9.90
N MET A 307 20.96 14.44 9.23
CA MET A 307 20.97 14.50 7.78
C MET A 307 21.58 15.79 7.24
N LEU A 308 21.70 16.83 8.07
CA LEU A 308 22.22 18.11 7.58
C LEU A 308 23.67 18.00 7.16
N PHE A 309 24.48 17.26 7.91
CA PHE A 309 25.92 17.25 7.72
C PHE A 309 26.45 16.02 7.01
N ILE A 310 25.89 14.83 7.27
CA ILE A 310 26.46 13.58 6.80
C ILE A 310 25.59 12.88 5.78
N ARG A 311 24.45 13.46 5.38
CA ARG A 311 23.62 12.85 4.35
C ARG A 311 23.09 13.84 3.32
N LEU A 312 23.10 15.15 3.59
CA LEU A 312 22.57 16.10 2.62
C LEU A 312 23.40 16.10 1.33
N SER A 313 24.72 16.03 1.45
CA SER A 313 25.58 15.99 0.27
C SER A 313 25.34 14.72 -0.54
N TRP A 314 25.17 13.59 0.15
CA TRP A 314 24.86 12.34 -0.55
C TRP A 314 23.52 12.43 -1.25
N ILE A 315 22.53 13.05 -0.62
CA ILE A 315 21.22 13.23 -1.25
C ILE A 315 21.34 14.10 -2.49
N VAL A 316 22.11 15.18 -2.40
CA VAL A 316 22.31 16.07 -3.54
C VAL A 316 23.03 15.35 -4.66
N GLY A 317 23.97 14.47 -4.32
CA GLY A 317 24.63 13.68 -5.35
C GLY A 317 23.68 12.69 -6.01
N GLN A 318 22.87 12.00 -5.21
CA GLN A 318 21.98 10.99 -5.75
C GLN A 318 20.92 11.61 -6.65
N ALA A 319 20.23 12.63 -6.15
CA ALA A 319 19.33 13.41 -6.99
C ALA A 319 20.14 14.49 -7.71
N GLY A 320 19.47 15.45 -8.31
CA GLY A 320 20.12 16.66 -8.79
C GLY A 320 19.96 17.78 -7.78
N ILE A 321 20.57 18.92 -8.09
CA ILE A 321 20.39 20.09 -7.24
C ILE A 321 18.92 20.49 -7.20
N GLY A 322 18.31 20.62 -8.38
CA GLY A 322 16.90 21.00 -8.44
C GLY A 322 15.98 19.95 -7.85
N LEU A 323 16.32 18.68 -8.05
CA LEU A 323 15.44 17.63 -7.57
C LEU A 323 15.56 17.46 -6.05
N SER A 324 16.74 17.70 -5.49
CA SER A 324 16.90 17.76 -4.04
C SER A 324 16.18 18.98 -3.46
N VAL A 325 16.20 20.10 -4.19
CA VAL A 325 15.40 21.25 -3.77
C VAL A 325 13.92 20.86 -3.73
N LEU A 326 13.48 20.07 -4.71
CA LEU A 326 12.11 19.55 -4.71
C LEU A 326 11.85 18.66 -3.49
N VAL A 327 12.82 17.81 -3.15
CA VAL A 327 12.67 16.94 -1.97
C VAL A 327 12.51 17.79 -0.71
N ILE A 328 13.38 18.79 -0.56
CA ILE A 328 13.33 19.65 0.62
C ILE A 328 12.02 20.43 0.66
N MET A 329 11.54 20.88 -0.51
CA MET A 329 10.27 21.60 -0.55
C MET A 329 9.10 20.69 -0.19
N MET A 330 9.13 19.44 -0.64
CA MET A 330 8.06 18.51 -0.27
C MET A 330 8.03 18.26 1.23
N ALA A 331 9.21 18.01 1.82
CA ALA A 331 9.27 17.83 3.27
C ALA A 331 8.83 19.09 4.00
N THR A 332 9.19 20.26 3.46
CA THR A 332 8.81 21.53 4.07
C THR A 332 7.31 21.74 3.99
N VAL A 333 6.69 21.37 2.87
CA VAL A 333 5.23 21.48 2.77
C VAL A 333 4.56 20.59 3.79
N VAL A 334 5.03 19.34 3.92
CA VAL A 334 4.46 18.43 4.90
C VAL A 334 4.58 19.00 6.31
N THR A 335 5.79 19.44 6.68
CA THR A 335 5.99 19.94 8.03
C THR A 335 5.31 21.27 8.25
N THR A 336 5.12 22.09 7.21
CA THR A 336 4.42 23.35 7.37
C THR A 336 2.94 23.14 7.60
N ILE A 337 2.33 22.20 6.86
CA ILE A 337 0.92 21.88 7.12
C ILE A 337 0.76 21.29 8.51
N THR A 338 1.68 20.41 8.91
CA THR A 338 1.62 19.85 10.26
C THR A 338 1.80 20.93 11.32
N GLY A 339 2.68 21.91 11.05
CA GLY A 339 2.86 23.00 11.99
C GLY A 339 1.64 23.89 12.10
N LEU A 340 0.96 24.12 10.97
CA LEU A 340 -0.29 24.87 11.01
C LEU A 340 -1.34 24.13 11.84
N SER A 341 -1.44 22.82 11.67
CA SER A 341 -2.36 22.03 12.48
C SER A 341 -1.97 22.08 13.96
N THR A 342 -0.68 21.98 14.25
CA THR A 342 -0.23 22.01 15.63
C THR A 342 -0.49 23.37 16.27
N SER A 343 -0.31 24.46 15.51
CA SER A 343 -0.61 25.78 16.01
C SER A 343 -2.10 25.95 16.25
N ALA A 344 -2.93 25.37 15.37
CA ALA A 344 -4.37 25.39 15.61
C ALA A 344 -4.72 24.65 16.89
N ILE A 345 -4.06 23.52 17.14
CA ILE A 345 -4.27 22.81 18.40
C ILE A 345 -3.85 23.67 19.58
N ALA A 346 -2.70 24.33 19.46
CA ALA A 346 -2.17 25.14 20.56
C ALA A 346 -3.07 26.32 20.89
N THR A 347 -3.60 26.99 19.87
CA THR A 347 -4.46 28.13 20.08
C THR A 347 -5.86 27.75 20.58
N ASN A 348 -6.18 26.46 20.62
CA ASN A 348 -7.47 25.99 21.12
C ASN A 348 -7.29 25.47 22.54
N GLY A 349 -8.07 26.02 23.47
CA GLY A 349 -8.05 25.51 24.83
C GLY A 349 -7.48 26.49 25.84
N PHE A 350 -6.75 25.97 26.81
CA PHE A 350 -6.21 26.76 27.91
C PHE A 350 -4.71 26.55 28.02
N VAL A 351 -4.03 27.53 28.62
CA VAL A 351 -2.57 27.49 28.73
C VAL A 351 -2.13 26.32 29.61
N ARG A 352 -2.84 26.09 30.71
CA ARG A 352 -2.42 25.07 31.68
C ARG A 352 -2.34 23.70 31.02
N GLY A 353 -1.30 22.95 31.36
CA GLY A 353 -1.06 21.64 30.81
C GLY A 353 0.16 21.64 29.92
N GLY A 354 1.02 20.65 30.09
CA GLY A 354 2.27 20.59 29.35
C GLY A 354 2.40 19.28 28.60
N GLY A 355 3.13 19.36 27.49
CA GLY A 355 3.35 18.20 26.64
C GLY A 355 2.51 18.25 25.39
N ALA A 356 3.09 17.81 24.27
CA ALA A 356 2.32 17.79 23.02
C ALA A 356 1.18 16.80 23.07
N TYR A 357 1.38 15.67 23.76
CA TYR A 357 0.29 14.70 23.88
C TYR A 357 -0.87 15.27 24.68
N TYR A 358 -0.56 16.08 25.70
CA TYR A 358 -1.63 16.64 26.54
C TYR A 358 -2.53 17.56 25.72
N LEU A 359 -1.92 18.46 24.94
CA LEU A 359 -2.71 19.38 24.12
C LEU A 359 -3.57 18.61 23.12
N ILE A 360 -2.99 17.63 22.45
CA ILE A 360 -3.72 16.89 21.43
C ILE A 360 -4.86 16.09 22.07
N SER A 361 -4.58 15.44 23.20
CA SER A 361 -5.61 14.62 23.84
C SER A 361 -6.74 15.47 24.40
N ARG A 362 -6.43 16.63 24.98
CA ARG A 362 -7.49 17.47 25.53
C ARG A 362 -8.19 18.29 24.47
N SER A 363 -7.60 18.40 23.27
CA SER A 363 -8.27 19.13 22.19
C SER A 363 -9.13 18.21 21.32
N LEU A 364 -8.57 17.09 20.85
CA LEU A 364 -9.23 16.24 19.85
C LEU A 364 -9.27 14.80 20.35
N GLY A 365 -10.18 14.50 21.26
CA GLY A 365 -10.60 13.13 21.51
C GLY A 365 -9.58 12.27 22.23
N PRO A 366 -10.06 11.41 23.12
CA PRO A 366 -9.18 10.38 23.68
C PRO A 366 -8.60 9.44 22.63
N GLU A 367 -9.37 9.09 21.60
CA GLU A 367 -8.90 8.11 20.63
C GLU A 367 -7.81 8.68 19.73
N PHE A 368 -8.02 9.86 19.15
CA PHE A 368 -6.96 10.53 18.42
C PHE A 368 -5.78 10.84 19.33
N GLY A 369 -6.04 11.29 20.56
CA GLY A 369 -4.94 11.57 21.47
C GLY A 369 -4.08 10.35 21.71
N GLY A 370 -4.71 9.21 21.99
CA GLY A 370 -3.95 8.00 22.27
C GLY A 370 -3.21 7.48 21.06
N ALA A 371 -3.85 7.46 19.89
CA ALA A 371 -3.18 6.98 18.69
C ALA A 371 -1.99 7.87 18.35
N ILE A 372 -2.19 9.19 18.35
CA ILE A 372 -1.12 10.12 18.04
C ILE A 372 0.00 10.00 19.06
N GLY A 373 -0.34 9.90 20.34
CA GLY A 373 0.68 9.81 21.36
C GLY A 373 1.51 8.55 21.23
N LEU A 374 0.86 7.40 21.00
CA LEU A 374 1.60 6.16 20.87
C LEU A 374 2.50 6.17 19.65
N ILE A 375 1.96 6.61 18.50
CA ILE A 375 2.76 6.64 17.28
C ILE A 375 3.91 7.61 17.41
N PHE A 376 3.67 8.78 18.02
CA PHE A 376 4.74 9.77 18.18
C PHE A 376 5.80 9.30 19.18
N ALA A 377 5.38 8.61 20.24
CA ALA A 377 6.34 8.07 21.19
C ALA A 377 7.23 7.03 20.52
N PHE A 378 6.64 6.13 19.72
CA PHE A 378 7.44 5.17 18.99
C PHE A 378 8.36 5.86 17.99
N ALA A 379 7.86 6.90 17.32
CA ALA A 379 8.65 7.63 16.34
C ALA A 379 9.86 8.28 17.00
N ASN A 380 9.67 8.90 18.17
CA ASN A 380 10.79 9.50 18.88
C ASN A 380 11.75 8.44 19.40
N ALA A 381 11.22 7.30 19.84
CA ALA A 381 12.09 6.23 20.32
C ALA A 381 12.99 5.71 19.21
N VAL A 382 12.47 5.58 18.00
CA VAL A 382 13.33 5.12 16.91
C VAL A 382 14.18 6.26 16.35
N ALA A 383 13.72 7.51 16.48
CA ALA A 383 14.54 8.64 16.08
C ALA A 383 15.78 8.77 16.97
N VAL A 384 15.65 8.42 18.24
CA VAL A 384 16.82 8.36 19.12
C VAL A 384 17.87 7.44 18.52
N ALA A 385 17.44 6.26 18.08
CA ALA A 385 18.36 5.31 17.46
C ALA A 385 18.97 5.86 16.19
N MET A 386 18.16 6.51 15.35
CA MET A 386 18.69 7.06 14.10
C MET A 386 19.76 8.11 14.37
N TYR A 387 19.49 9.03 15.29
CA TYR A 387 20.45 10.08 15.60
C TYR A 387 21.72 9.50 16.22
N VAL A 388 21.57 8.52 17.11
CA VAL A 388 22.73 7.92 17.75
C VAL A 388 23.56 7.13 16.75
N VAL A 389 22.91 6.47 15.79
CA VAL A 389 23.65 5.77 14.75
C VAL A 389 24.39 6.76 13.85
N GLY A 390 23.78 7.89 13.55
CA GLY A 390 24.51 8.92 12.81
C GLY A 390 25.74 9.42 13.56
N PHE A 391 25.58 9.67 14.85
CA PHE A 391 26.72 10.10 15.66
C PHE A 391 27.81 9.03 15.69
N ALA A 392 27.42 7.77 15.86
CA ALA A 392 28.39 6.68 15.92
C ALA A 392 29.10 6.49 14.58
N GLU A 393 28.37 6.66 13.48
CA GLU A 393 29.00 6.59 12.17
C GLU A 393 30.03 7.69 11.99
N THR A 394 29.70 8.90 12.44
CA THR A 394 30.69 9.98 12.37
C THR A 394 31.90 9.68 13.23
N VAL A 395 31.69 9.14 14.43
CA VAL A 395 32.80 8.81 15.32
C VAL A 395 33.68 7.74 14.70
N VAL A 396 33.07 6.72 14.10
CA VAL A 396 33.84 5.65 13.48
C VAL A 396 34.62 6.18 12.28
N GLU A 397 34.00 7.08 11.51
CA GLU A 397 34.70 7.67 10.37
C GLU A 397 35.90 8.49 10.84
N LEU A 398 35.75 9.23 11.93
CA LEU A 398 36.89 9.97 12.48
C LEU A 398 37.97 9.03 13.00
N LEU A 399 37.57 7.92 13.64
CA LEU A 399 38.55 6.97 14.15
C LEU A 399 39.30 6.26 13.02
N LYS A 400 38.64 6.06 11.88
CA LYS A 400 39.29 5.39 10.75
C LYS A 400 40.51 6.18 10.27
N GLU A 401 40.51 7.50 10.45
CA GLU A 401 41.68 8.29 10.06
C GLU A 401 42.90 7.88 10.86
N HIS A 402 42.73 7.57 12.14
CA HIS A 402 43.82 7.09 12.98
C HIS A 402 43.96 5.58 12.98
N SER A 403 43.18 4.88 12.15
CA SER A 403 43.24 3.42 12.04
C SER A 403 42.98 2.75 13.39
N ILE A 404 42.04 3.28 14.15
CA ILE A 404 41.66 2.72 15.45
C ILE A 404 40.37 1.92 15.21
N LEU A 405 40.52 0.64 14.93
CA LEU A 405 39.39 -0.27 14.73
C LEU A 405 39.40 -1.31 15.85
N MET A 406 38.25 -1.49 16.50
CA MET A 406 38.18 -2.44 17.60
C MET A 406 37.79 -3.83 17.11
N ILE A 407 36.64 -3.96 16.46
CA ILE A 407 36.20 -5.24 15.92
C ILE A 407 35.93 -5.10 14.43
N ASP A 408 34.96 -4.28 14.08
CA ASP A 408 34.56 -4.08 12.68
C ASP A 408 33.82 -2.76 12.59
N GLU A 409 33.74 -2.23 11.37
CA GLU A 409 33.10 -0.93 11.16
C GLU A 409 31.66 -0.95 11.66
N ILE A 410 30.87 -1.93 11.24
CA ILE A 410 29.51 -2.07 11.72
C ILE A 410 29.49 -2.37 13.21
N ASN A 411 30.39 -3.25 13.66
CA ASN A 411 30.44 -3.59 15.08
C ASN A 411 30.88 -2.40 15.92
N ASP A 412 31.86 -1.62 15.43
CA ASP A 412 32.24 -0.42 16.15
C ASP A 412 31.10 0.58 16.20
N ILE A 413 30.34 0.72 15.11
CA ILE A 413 29.19 1.60 15.11
C ILE A 413 28.18 1.14 16.16
N ARG A 414 27.95 -0.17 16.23
CA ARG A 414 27.02 -0.70 17.23
C ARG A 414 27.49 -0.43 18.65
N ILE A 415 28.77 -0.64 18.92
CA ILE A 415 29.30 -0.44 20.26
C ILE A 415 29.23 1.03 20.66
N ILE A 416 29.66 1.92 19.76
CA ILE A 416 29.63 3.34 20.04
C ILE A 416 28.18 3.81 20.22
N GLY A 417 27.26 3.28 19.42
CA GLY A 417 25.86 3.65 19.58
C GLY A 417 25.28 3.21 20.90
N ALA A 418 25.61 1.98 21.33
CA ALA A 418 25.13 1.50 22.62
C ALA A 418 25.68 2.36 23.76
N ILE A 419 26.97 2.67 23.72
CA ILE A 419 27.56 3.51 24.75
C ILE A 419 26.90 4.89 24.75
N THR A 420 26.69 5.45 23.56
CA THR A 420 26.09 6.77 23.45
C THR A 420 24.67 6.79 23.98
N VAL A 421 23.86 5.78 23.66
CA VAL A 421 22.48 5.78 24.12
C VAL A 421 22.42 5.57 25.62
N VAL A 422 23.32 4.73 26.17
CA VAL A 422 23.37 4.58 27.62
C VAL A 422 23.73 5.90 28.30
N ILE A 423 24.73 6.60 27.76
CA ILE A 423 25.14 7.87 28.35
C ILE A 423 24.04 8.91 28.24
N LEU A 424 23.35 8.95 27.10
CA LEU A 424 22.27 9.91 26.91
C LEU A 424 21.10 9.61 27.84
N LEU A 425 20.78 8.33 28.05
CA LEU A 425 19.74 7.98 29.00
C LEU A 425 20.13 8.38 30.41
N GLY A 426 21.39 8.16 30.78
CA GLY A 426 21.85 8.62 32.08
C GLY A 426 21.76 10.12 32.24
N ILE A 427 22.10 10.87 31.19
CA ILE A 427 21.98 12.32 31.22
C ILE A 427 20.53 12.72 31.41
N SER A 428 19.62 12.09 30.67
CA SER A 428 18.21 12.44 30.75
C SER A 428 17.64 12.15 32.14
N VAL A 429 18.01 11.02 32.73
CA VAL A 429 17.43 10.68 34.02
C VAL A 429 18.10 11.43 35.16
N ALA A 430 19.37 11.84 35.00
CA ALA A 430 20.11 12.49 36.08
C ALA A 430 20.21 13.99 35.89
N GLY A 431 20.82 14.44 34.80
CA GLY A 431 21.09 15.86 34.63
C GLY A 431 20.23 16.55 33.59
N MET A 432 19.29 17.38 34.04
CA MET A 432 18.44 18.13 33.14
C MET A 432 18.46 19.64 33.41
N GLU A 433 19.03 20.09 34.53
CA GLU A 433 19.09 21.52 34.78
C GLU A 433 20.07 22.22 33.85
N TRP A 434 21.08 21.52 33.34
CA TRP A 434 22.02 22.08 32.39
C TRP A 434 21.44 22.25 31.00
N GLU A 435 20.26 21.67 30.73
CA GLU A 435 19.75 21.64 29.37
C GLU A 435 19.40 23.04 28.87
N ALA A 436 18.82 23.87 29.74
CA ALA A 436 18.44 25.22 29.34
C ALA A 436 19.65 26.03 28.89
N LYS A 437 20.76 25.91 29.62
CA LYS A 437 21.99 26.59 29.23
C LYS A 437 22.69 25.93 28.07
N ALA A 438 22.50 24.62 27.88
CA ALA A 438 23.18 23.89 26.82
C ALA A 438 22.50 24.04 25.46
N GLN A 439 21.20 24.35 25.44
CA GLN A 439 20.51 24.54 24.17
C GLN A 439 21.17 25.66 23.35
N ILE A 440 21.44 26.79 24.00
CA ILE A 440 22.04 27.93 23.29
C ILE A 440 23.44 27.59 22.82
N VAL A 441 24.22 26.92 23.67
CA VAL A 441 25.59 26.56 23.29
C VAL A 441 25.58 25.62 22.10
N LEU A 442 24.69 24.61 22.11
CA LEU A 442 24.62 23.68 21.00
C LEU A 442 24.18 24.37 19.72
N LEU A 443 23.20 25.27 19.81
CA LEU A 443 22.75 26.00 18.62
C LEU A 443 23.86 26.88 18.07
N VAL A 444 24.61 27.55 18.95
CA VAL A 444 25.71 28.39 18.51
C VAL A 444 26.79 27.56 17.84
N ILE A 445 27.12 26.40 18.42
CA ILE A 445 28.13 25.53 17.82
C ILE A 445 27.69 25.06 16.44
N LEU A 446 26.40 24.68 16.32
CA LEU A 446 25.90 24.19 15.04
C LEU A 446 25.93 25.30 13.99
N LEU A 447 25.51 26.52 14.37
CA LEU A 447 25.54 27.63 13.43
C LEU A 447 26.97 27.98 13.04
N LEU A 448 27.90 27.88 13.98
CA LEU A 448 29.31 28.12 13.67
C LEU A 448 29.83 27.09 12.68
N ALA A 449 29.41 25.83 12.84
CA ALA A 449 29.80 24.79 11.88
C ALA A 449 29.22 25.08 10.49
N ILE A 450 27.97 25.52 10.44
CA ILE A 450 27.35 25.84 9.15
C ILE A 450 28.10 26.98 8.48
N GLY A 451 28.39 28.03 9.24
CA GLY A 451 29.15 29.14 8.70
C GLY A 451 30.55 28.75 8.28
N ASP A 452 31.17 27.84 9.02
CA ASP A 452 32.50 27.37 8.66
C ASP A 452 32.47 26.61 7.33
N PHE A 453 31.45 25.78 7.13
CA PHE A 453 31.31 25.10 5.84
C PHE A 453 31.10 26.11 4.72
N VAL A 454 30.22 27.10 4.94
CA VAL A 454 29.94 28.08 3.89
C VAL A 454 31.20 28.88 3.56
N ILE A 455 31.99 29.22 4.57
CA ILE A 455 33.26 29.89 4.33
C ILE A 455 34.19 28.98 3.55
N GLY A 456 34.23 27.70 3.90
CA GLY A 456 35.09 26.76 3.20
C GLY A 456 34.77 26.63 1.73
N THR A 457 33.47 26.66 1.37
CA THR A 457 33.11 26.59 -0.04
C THR A 457 33.68 27.76 -0.84
N PHE A 458 33.98 28.88 -0.19
CA PHE A 458 34.49 30.06 -0.87
C PHE A 458 36.01 30.11 -0.92
N ILE A 459 36.69 29.07 -0.43
CA ILE A 459 38.14 29.03 -0.46
C ILE A 459 38.57 27.75 -1.16
N PRO A 460 38.65 27.73 -2.49
CA PRO A 460 39.15 26.55 -3.19
C PRO A 460 40.62 26.32 -2.88
N LEU A 461 40.96 25.06 -2.65
CA LEU A 461 42.32 24.67 -2.31
C LEU A 461 42.81 23.59 -3.27
N GLU A 462 44.08 23.69 -3.65
CA GLU A 462 44.65 22.69 -4.55
C GLU A 462 44.66 21.31 -3.91
N SER A 463 44.94 21.25 -2.60
CA SER A 463 44.99 19.96 -1.92
C SER A 463 43.62 19.28 -1.88
N LYS A 464 42.55 20.06 -1.76
CA LYS A 464 41.21 19.48 -1.70
C LYS A 464 40.71 19.06 -3.08
N LYS A 465 41.27 19.61 -4.14
CA LYS A 465 40.77 19.36 -5.48
C LYS A 465 40.71 17.88 -5.88
N PRO A 466 41.71 17.04 -5.61
CA PRO A 466 41.58 15.62 -5.98
C PRO A 466 40.36 14.95 -5.37
N LYS A 467 39.96 15.34 -4.17
CA LYS A 467 38.79 14.76 -3.50
C LYS A 467 37.49 15.47 -3.88
N GLY A 468 37.45 16.11 -5.04
CA GLY A 468 36.32 16.95 -5.39
C GLY A 468 36.56 18.37 -4.93
N PHE A 469 35.46 19.11 -4.82
CA PHE A 469 35.49 20.49 -4.30
C PHE A 469 36.44 21.36 -5.11
N PHE A 470 36.05 21.61 -6.35
CA PHE A 470 36.78 22.51 -7.23
C PHE A 470 36.36 23.96 -7.06
N GLY A 471 35.55 24.26 -6.04
CA GLY A 471 35.03 25.60 -5.87
C GLY A 471 33.71 25.79 -6.59
N TYR A 472 33.16 26.99 -6.45
CA TYR A 472 31.90 27.33 -7.10
C TYR A 472 32.15 27.49 -8.59
N LYS A 473 31.78 26.49 -9.37
CA LYS A 473 31.95 26.50 -10.81
C LYS A 473 30.63 26.20 -11.50
N SER A 474 30.41 26.84 -12.64
CA SER A 474 29.18 26.60 -13.40
C SER A 474 29.14 25.19 -13.97
N GLU A 475 30.30 24.62 -14.29
CA GLU A 475 30.32 23.26 -14.83
C GLU A 475 29.81 22.25 -13.82
N ILE A 476 30.22 22.39 -12.56
CA ILE A 476 29.78 21.46 -11.53
C ILE A 476 28.28 21.64 -11.27
N PHE A 477 27.80 22.88 -11.28
CA PHE A 477 26.37 23.11 -11.12
C PHE A 477 25.57 22.49 -12.27
N ASN A 478 26.06 22.64 -13.50
CA ASN A 478 25.37 22.04 -14.64
C ASN A 478 25.36 20.53 -14.56
N GLU A 479 26.48 19.92 -14.17
CA GLU A 479 26.53 18.47 -14.06
C GLU A 479 25.62 17.97 -12.95
N ASN A 480 25.59 18.67 -11.81
CA ASN A 480 24.90 18.19 -10.63
C ASN A 480 23.42 18.55 -10.59
N PHE A 481 22.92 19.26 -11.61
CA PHE A 481 21.52 19.65 -11.59
C PHE A 481 20.58 18.49 -11.86
N GLY A 482 21.02 17.50 -12.63
CA GLY A 482 20.18 16.38 -12.98
C GLY A 482 20.39 15.20 -12.06
N PRO A 483 19.36 14.36 -11.92
CA PRO A 483 19.49 13.19 -11.05
C PRO A 483 20.50 12.18 -11.59
N ASP A 484 21.18 11.51 -10.66
CA ASP A 484 22.14 10.46 -10.98
C ASP A 484 21.93 9.29 -10.03
N PHE A 485 20.68 8.84 -9.94
CA PHE A 485 20.34 7.75 -9.03
C PHE A 485 21.09 6.48 -9.41
N ARG A 486 21.59 5.78 -8.39
CA ARG A 486 22.29 4.52 -8.59
C ARG A 486 21.30 3.36 -8.44
N GLU A 487 21.83 2.14 -8.35
CA GLU A 487 20.97 0.97 -8.19
C GLU A 487 20.27 1.01 -6.84
N GLU A 488 19.01 0.59 -6.85
CA GLU A 488 18.16 0.58 -5.65
C GLU A 488 18.10 1.96 -5.00
N GLU A 489 18.07 2.99 -5.84
CA GLU A 489 17.94 4.37 -5.38
C GLU A 489 16.99 5.11 -6.30
N THR A 490 15.88 5.58 -5.76
CA THR A 490 14.88 6.33 -6.50
C THR A 490 14.69 7.69 -5.85
N PHE A 491 13.77 8.48 -6.41
CA PHE A 491 13.44 9.77 -5.81
C PHE A 491 12.89 9.60 -4.40
N PHE A 492 12.01 8.62 -4.21
CA PHE A 492 11.33 8.51 -2.93
C PHE A 492 12.16 7.77 -1.88
N SER A 493 13.09 6.92 -2.28
CA SER A 493 14.04 6.38 -1.32
C SER A 493 14.92 7.49 -0.76
N VAL A 494 15.39 8.38 -1.63
CA VAL A 494 16.17 9.53 -1.19
C VAL A 494 15.31 10.46 -0.35
N PHE A 495 14.04 10.62 -0.72
CA PHE A 495 13.14 11.43 0.09
C PHE A 495 12.95 10.84 1.48
N ALA A 496 12.83 9.51 1.57
CA ALA A 496 12.69 8.88 2.87
C ALA A 496 13.96 9.03 3.70
N ILE A 497 15.11 9.01 3.04
CA ILE A 497 16.36 9.28 3.75
C ILE A 497 16.37 10.71 4.28
N PHE A 498 15.93 11.67 3.48
CA PHE A 498 16.03 13.08 3.87
C PHE A 498 14.99 13.46 4.91
N PHE A 499 13.79 12.90 4.82
CA PHE A 499 12.64 13.41 5.59
C PHE A 499 12.88 13.54 7.08
N PRO A 500 13.56 12.62 7.77
CA PRO A 500 13.83 12.85 9.21
C PRO A 500 14.55 14.15 9.49
N ALA A 501 15.22 14.74 8.50
CA ALA A 501 15.82 16.06 8.71
C ALA A 501 14.75 17.10 9.00
N ALA A 502 13.64 17.06 8.27
CA ALA A 502 12.57 18.03 8.45
C ALA A 502 11.73 17.79 9.70
N THR A 503 11.83 16.61 10.30
CA THR A 503 11.06 16.30 11.50
C THR A 503 11.65 17.03 12.70
N GLY A 504 10.94 16.95 13.82
CA GLY A 504 11.31 17.69 15.02
C GLY A 504 10.57 18.99 15.21
N ILE A 505 9.54 19.26 14.41
CA ILE A 505 8.80 20.51 14.52
C ILE A 505 7.95 20.58 15.78
N LEU A 506 7.68 19.45 16.42
CA LEU A 506 6.88 19.43 17.63
C LEU A 506 7.69 19.57 18.90
N ALA A 507 8.97 19.95 18.79
CA ALA A 507 9.79 20.17 19.97
C ALA A 507 9.28 21.34 20.79
N GLY A 508 8.83 22.40 20.13
CA GLY A 508 8.28 23.54 20.84
C GLY A 508 7.01 23.22 21.60
N ALA A 509 6.14 22.39 21.02
CA ALA A 509 4.90 22.00 21.69
C ALA A 509 5.13 21.00 22.81
N ASN A 510 6.27 20.29 22.81
CA ASN A 510 6.52 19.28 23.84
C ASN A 510 6.68 19.89 25.22
N ILE A 511 7.05 21.17 25.31
CA ILE A 511 7.19 21.84 26.60
C ILE A 511 6.22 23.00 26.67
N SER A 512 5.05 22.84 26.04
CA SER A 512 4.07 23.93 25.99
C SER A 512 3.70 24.43 27.38
N GLY A 513 3.74 23.56 28.39
CA GLY A 513 3.51 24.03 29.74
C GLY A 513 4.58 24.98 30.24
N ASP A 514 5.82 24.76 29.82
CA ASP A 514 6.92 25.59 30.31
C ASP A 514 6.95 26.98 29.67
N LEU A 515 6.17 27.20 28.61
CA LEU A 515 6.17 28.48 27.92
C LEU A 515 5.34 29.51 28.67
N ALA A 516 5.74 30.77 28.56
CA ALA A 516 5.00 31.85 29.20
C ALA A 516 3.65 32.07 28.52
N ASP A 517 3.64 32.11 27.18
CA ASP A 517 2.41 32.32 26.40
C ASP A 517 2.35 31.28 25.30
N PRO A 518 1.96 30.05 25.63
CA PRO A 518 1.99 28.96 24.63
C PRO A 518 1.11 29.21 23.43
N GLN A 519 0.00 29.94 23.58
CA GLN A 519 -0.91 30.13 22.46
C GLN A 519 -0.29 30.96 21.35
N SER A 520 0.65 31.83 21.68
CA SER A 520 1.33 32.65 20.67
C SER A 520 2.78 32.22 20.43
N ALA A 521 3.43 31.65 21.42
CA ALA A 521 4.82 31.22 21.25
C ALA A 521 4.93 30.06 20.27
N ILE A 522 4.10 29.04 20.44
CA ILE A 522 4.21 27.83 19.61
C ILE A 522 4.02 28.13 18.13
N PRO A 523 2.96 28.83 17.68
CA PRO A 523 2.77 29.02 16.23
C PRO A 523 3.94 29.71 15.55
N LYS A 524 4.27 30.92 16.01
CA LYS A 524 5.32 31.68 15.34
C LYS A 524 6.68 31.02 15.53
N GLY A 525 6.95 30.46 16.71
CA GLY A 525 8.22 29.79 16.91
C GLY A 525 8.41 28.61 15.97
N THR A 526 7.40 27.74 15.89
CA THR A 526 7.50 26.57 15.02
C THR A 526 7.59 26.98 13.55
N LEU A 527 6.77 27.95 13.12
CA LEU A 527 6.79 28.34 11.72
C LEU A 527 8.12 28.98 11.34
N LEU A 528 8.65 29.86 12.20
CA LEU A 528 9.94 30.47 11.92
C LEU A 528 11.06 29.45 11.92
N ALA A 529 11.01 28.48 12.85
CA ALA A 529 12.02 27.43 12.85
C ALA A 529 11.98 26.61 11.57
N ILE A 530 10.77 26.27 11.12
CA ILE A 530 10.64 25.52 9.86
C ILE A 530 11.21 26.33 8.71
N LEU A 531 10.88 27.62 8.65
CA LEU A 531 11.37 28.47 7.57
C LEU A 531 12.89 28.55 7.57
N ILE A 532 13.49 28.79 8.74
CA ILE A 532 14.94 28.96 8.82
C ILE A 532 15.65 27.66 8.46
N THR A 533 15.17 26.54 9.01
CA THR A 533 15.81 25.27 8.71
C THR A 533 15.68 24.89 7.23
N THR A 534 14.51 25.16 6.64
CA THR A 534 14.33 24.88 5.23
C THR A 534 15.24 25.74 4.37
N LEU A 535 15.37 27.03 4.70
CA LEU A 535 16.26 27.90 3.94
C LEU A 535 17.70 27.42 4.04
N VAL A 536 18.13 27.02 5.24
CA VAL A 536 19.49 26.52 5.41
C VAL A 536 19.69 25.24 4.61
N TYR A 537 18.71 24.33 4.64
CA TYR A 537 18.82 23.10 3.88
C TYR A 537 18.95 23.37 2.39
N VAL A 538 18.13 24.28 1.87
CA VAL A 538 18.16 24.61 0.45
C VAL A 538 19.49 25.24 0.07
N GLY A 539 19.97 26.18 0.88
CA GLY A 539 21.25 26.81 0.59
C GLY A 539 22.40 25.84 0.62
N ILE A 540 22.43 24.96 1.63
CA ILE A 540 23.49 23.97 1.73
C ILE A 540 23.44 23.01 0.55
N ALA A 541 22.23 22.57 0.17
CA ALA A 541 22.10 21.66 -0.96
C ALA A 541 22.64 22.29 -2.24
N VAL A 542 22.22 23.52 -2.54
CA VAL A 542 22.68 24.18 -3.75
C VAL A 542 24.18 24.39 -3.70
N SER A 543 24.72 24.80 -2.55
CA SER A 543 26.14 25.07 -2.44
C SER A 543 26.96 23.81 -2.66
N VAL A 544 26.62 22.73 -1.95
CA VAL A 544 27.41 21.50 -2.05
C VAL A 544 27.25 20.88 -3.44
N GLY A 545 26.10 21.07 -4.09
CA GLY A 545 25.95 20.59 -5.45
C GLY A 545 26.70 21.41 -6.46
N SER A 546 26.89 22.70 -6.20
CA SER A 546 27.58 23.58 -7.13
C SER A 546 29.08 23.66 -6.88
N CYS A 547 29.59 23.08 -5.79
CA CYS A 547 31.01 23.18 -5.50
C CYS A 547 31.74 21.83 -5.51
N VAL A 548 31.04 20.70 -5.40
CA VAL A 548 31.66 19.39 -5.31
C VAL A 548 31.10 18.49 -6.41
N VAL A 549 31.99 17.75 -7.08
CA VAL A 549 31.56 16.83 -8.13
C VAL A 549 31.07 15.53 -7.51
N ARG A 550 30.31 14.76 -8.30
CA ARG A 550 29.70 13.53 -7.80
C ARG A 550 30.75 12.46 -7.50
N ASP A 551 31.68 12.25 -8.42
CA ASP A 551 32.69 11.20 -8.29
C ASP A 551 34.07 11.80 -8.35
N ALA A 552 34.95 11.37 -7.46
CA ALA A 552 36.32 11.87 -7.43
C ALA A 552 37.22 10.82 -6.79
N THR A 553 38.47 10.79 -7.22
CA THR A 553 39.47 9.93 -6.64
C THR A 553 40.07 10.62 -5.41
N GLY A 554 41.18 10.11 -4.91
CA GLY A 554 41.83 10.74 -3.79
C GLY A 554 43.33 10.84 -3.97
N ASN A 555 43.80 10.69 -5.20
CA ASN A 555 45.21 10.65 -5.50
C ASN A 555 45.57 11.93 -6.23
N VAL A 556 46.73 12.51 -5.89
CA VAL A 556 47.07 13.85 -6.35
C VAL A 556 47.34 13.87 -7.86
N ASN A 557 48.19 12.96 -8.35
CA ASN A 557 48.70 13.09 -9.72
C ASN A 557 47.68 12.57 -10.73
N ASP A 558 46.53 13.26 -10.77
CA ASP A 558 45.48 13.01 -11.75
C ASP A 558 45.19 14.35 -12.44
N THR A 559 45.95 14.64 -13.48
CA THR A 559 45.76 15.84 -14.28
C THR A 559 45.69 15.46 -15.74
N ILE A 560 44.93 16.23 -16.51
CA ILE A 560 44.73 15.96 -17.93
C ILE A 560 45.30 17.16 -18.69
N VAL A 561 46.57 17.04 -19.09
CA VAL A 561 47.22 18.11 -19.84
C VAL A 561 46.62 18.23 -21.22
N THR A 562 46.46 17.10 -21.92
CA THR A 562 45.87 17.04 -23.24
C THR A 562 44.55 16.29 -23.16
N GLU A 563 43.47 16.91 -23.63
CA GLU A 563 42.16 16.29 -23.57
C GLU A 563 42.09 15.06 -24.46
N LEU A 564 41.49 14.00 -23.94
CA LEU A 564 41.33 12.75 -24.66
C LEU A 564 39.87 12.62 -25.08
N THR A 565 39.63 12.66 -26.40
CA THR A 565 38.30 12.54 -26.99
C THR A 565 37.33 13.60 -26.48
N ASN A 566 37.85 14.72 -25.96
CA ASN A 566 37.04 15.84 -25.49
C ASN A 566 36.02 15.39 -24.45
N CYS A 567 36.55 14.93 -23.31
CA CYS A 567 35.72 14.46 -22.22
C CYS A 567 34.74 15.54 -21.77
N THR A 568 33.48 15.16 -21.61
CA THR A 568 32.41 16.10 -21.32
C THR A 568 32.16 16.27 -19.82
N SER A 569 32.88 15.55 -18.97
CA SER A 569 32.69 15.69 -17.53
C SER A 569 33.16 17.06 -17.06
N ALA A 570 32.52 17.56 -16.00
CA ALA A 570 32.94 18.83 -15.43
C ALA A 570 34.35 18.75 -14.86
N ALA A 571 34.68 17.63 -14.22
CA ALA A 571 36.04 17.45 -13.70
C ALA A 571 37.06 17.44 -14.84
N CYS A 572 36.70 16.91 -16.00
CA CYS A 572 37.60 16.96 -17.15
C CYS A 572 37.88 18.39 -17.57
N LYS A 573 36.85 19.24 -17.56
CA LYS A 573 37.05 20.66 -17.85
C LYS A 573 37.83 21.38 -16.76
N LEU A 574 37.97 20.78 -15.58
CA LEU A 574 38.71 21.37 -14.48
C LEU A 574 40.09 20.74 -14.31
N ASN A 575 40.66 20.24 -15.40
CA ASN A 575 42.03 19.71 -15.43
C ASN A 575 42.19 18.52 -14.47
N PHE A 576 41.16 17.68 -14.36
CA PHE A 576 41.24 16.47 -13.58
C PHE A 576 40.60 15.32 -14.37
N ASP A 577 41.09 14.12 -14.10
CA ASP A 577 40.67 12.92 -14.84
C ASP A 577 40.08 11.93 -13.83
N PHE A 578 38.77 12.01 -13.63
CA PHE A 578 38.03 11.09 -12.79
C PHE A 578 37.25 10.07 -13.61
N SER A 579 37.49 10.01 -14.93
CA SER A 579 36.80 9.04 -15.77
C SER A 579 37.12 7.62 -15.36
N SER A 580 38.38 7.36 -15.01
CA SER A 580 38.79 6.03 -14.57
C SER A 580 38.16 5.65 -13.24
N CYS A 581 37.62 6.61 -12.49
CA CYS A 581 37.09 6.30 -11.17
C CYS A 581 35.77 5.53 -11.28
N GLU A 582 34.93 5.87 -12.25
CA GLU A 582 33.58 5.30 -12.30
C GLU A 582 33.60 3.80 -12.56
N SER A 583 34.65 3.30 -13.24
CA SER A 583 34.75 1.86 -13.47
C SER A 583 34.92 1.08 -12.17
N SER A 584 35.74 1.59 -11.28
CA SER A 584 36.03 0.99 -9.98
C SER A 584 35.20 1.66 -8.90
N PRO A 585 35.23 1.15 -7.67
CA PRO A 585 34.64 1.89 -6.56
C PRO A 585 35.43 3.16 -6.27
N CYS A 586 34.71 4.26 -6.07
CA CYS A 586 35.30 5.54 -5.72
C CYS A 586 35.17 5.76 -4.22
N SER A 587 36.16 6.46 -3.65
CA SER A 587 36.18 6.74 -2.23
C SER A 587 35.90 8.19 -1.88
N TYR A 588 35.70 9.05 -2.88
CA TYR A 588 35.48 10.47 -2.65
C TYR A 588 34.38 10.96 -3.59
N GLY A 589 34.01 12.24 -3.43
CA GLY A 589 32.94 12.84 -4.19
C GLY A 589 31.62 12.84 -3.43
N LEU A 590 30.62 13.44 -4.07
CA LEU A 590 29.29 13.50 -3.46
C LEU A 590 28.70 12.12 -3.30
N MET A 591 28.93 11.24 -4.27
CA MET A 591 28.26 9.94 -4.30
C MET A 591 28.88 8.93 -3.36
N ASN A 592 30.10 9.15 -2.89
CA ASN A 592 30.85 8.13 -2.18
C ASN A 592 31.32 8.54 -0.79
N ASN A 593 31.45 9.83 -0.52
CA ASN A 593 31.91 10.32 0.77
C ASN A 593 30.75 10.97 1.51
N PHE A 594 30.47 10.48 2.72
CA PHE A 594 29.45 11.10 3.55
C PHE A 594 29.95 12.31 4.31
N GLN A 595 31.26 12.52 4.34
CA GLN A 595 31.88 13.64 5.05
C GLN A 595 32.34 14.72 4.09
N VAL A 596 31.56 14.96 3.03
CA VAL A 596 31.91 15.97 2.06
C VAL A 596 31.93 17.35 2.70
N MET A 597 30.92 17.66 3.52
CA MET A 597 30.87 18.96 4.17
C MET A 597 32.02 19.17 5.15
N SER A 598 32.45 18.11 5.82
CA SER A 598 33.62 18.21 6.69
C SER A 598 34.88 18.50 5.89
N MET A 599 35.02 17.85 4.73
CA MET A 599 36.18 18.09 3.87
C MET A 599 36.19 19.50 3.32
N VAL A 600 35.02 20.01 2.91
CA VAL A 600 34.96 21.32 2.26
C VAL A 600 35.30 22.42 3.25
N SER A 601 34.83 22.29 4.49
CA SER A 601 35.00 23.35 5.48
C SER A 601 36.47 23.60 5.78
N GLY A 602 36.79 24.87 6.04
CA GLY A 602 38.18 25.23 6.28
C GLY A 602 38.75 24.63 7.55
N PHE A 603 37.97 24.66 8.64
CA PHE A 603 38.41 24.14 9.93
C PHE A 603 37.61 22.88 10.20
N THR A 604 38.21 21.73 9.90
CA THR A 604 37.47 20.45 9.95
C THR A 604 36.93 20.11 11.33
N PRO A 605 37.70 20.20 12.42
CA PRO A 605 37.14 19.75 13.71
C PRO A 605 35.92 20.55 14.17
N LEU A 606 35.72 21.76 13.65
CA LEU A 606 34.50 22.49 13.96
C LEU A 606 33.27 21.78 13.41
N ILE A 607 33.37 21.22 12.21
CA ILE A 607 32.25 20.49 11.62
C ILE A 607 31.96 19.23 12.44
N SER A 608 33.01 18.53 12.88
CA SER A 608 32.81 17.37 13.73
C SER A 608 32.09 17.75 15.01
N ALA A 609 32.44 18.91 15.59
CA ALA A 609 31.67 19.41 16.72
C ALA A 609 30.24 19.73 16.31
N GLY A 610 30.06 20.27 15.10
CA GLY A 610 28.72 20.55 14.61
C GLY A 610 27.91 19.28 14.40
N ILE A 611 28.53 18.23 13.86
CA ILE A 611 27.85 16.96 13.70
C ILE A 611 27.48 16.38 15.05
N PHE A 612 28.43 16.40 15.98
CA PHE A 612 28.15 15.88 17.32
C PHE A 612 27.06 16.70 17.99
N SER A 613 27.15 18.03 17.90
CA SER A 613 26.13 18.89 18.51
C SER A 613 24.75 18.59 17.95
N ALA A 614 24.62 18.55 16.62
CA ALA A 614 23.31 18.32 16.01
C ALA A 614 22.76 16.94 16.37
N THR A 615 23.56 15.89 16.18
CA THR A 615 23.08 14.54 16.42
C THR A 615 22.72 14.34 17.89
N LEU A 616 23.59 14.78 18.80
CA LEU A 616 23.32 14.56 20.22
C LEU A 616 22.15 15.40 20.71
N SER A 617 22.02 16.64 20.23
CA SER A 617 20.89 17.46 20.63
C SER A 617 19.58 16.85 20.16
N SER A 618 19.53 16.39 18.91
CA SER A 618 18.30 15.77 18.41
C SER A 618 18.00 14.47 19.13
N ALA A 619 19.02 13.65 19.40
CA ALA A 619 18.80 12.39 20.12
C ALA A 619 18.32 12.65 21.54
N LEU A 620 18.89 13.65 22.20
CA LEU A 620 18.45 13.98 23.56
C LEU A 620 17.04 14.54 23.57
N ALA A 621 16.69 15.35 22.58
CA ALA A 621 15.33 15.87 22.49
C ALA A 621 14.33 14.75 22.27
N SER A 622 14.66 13.79 21.39
CA SER A 622 13.75 12.67 21.15
C SER A 622 13.75 11.68 22.31
N LEU A 623 14.80 11.70 23.13
CA LEU A 623 14.91 10.77 24.24
C LEU A 623 14.20 11.27 25.49
N VAL A 624 13.75 12.52 25.50
CA VAL A 624 12.97 13.03 26.62
C VAL A 624 11.53 13.19 26.17
N SER A 625 11.32 13.33 24.86
CA SER A 625 9.96 13.48 24.35
C SER A 625 9.18 12.16 24.42
N ALA A 626 9.81 11.06 24.02
CA ALA A 626 9.12 9.77 24.02
C ALA A 626 8.75 9.30 25.42
N PRO A 627 9.64 9.29 26.42
CA PRO A 627 9.22 8.82 27.74
C PRO A 627 8.15 9.67 28.39
N LYS A 628 8.23 10.99 28.26
CA LYS A 628 7.20 11.86 28.83
C LYS A 628 5.85 11.61 28.18
N ILE A 629 5.84 11.47 26.84
CA ILE A 629 4.60 11.22 26.14
C ILE A 629 4.02 9.88 26.54
N PHE A 630 4.87 8.86 26.66
CA PHE A 630 4.38 7.54 27.07
C PHE A 630 3.85 7.57 28.49
N GLN A 631 4.52 8.28 29.40
CA GLN A 631 4.02 8.39 30.76
C GLN A 631 2.67 9.08 30.81
N ALA A 632 2.54 10.19 30.07
CA ALA A 632 1.27 10.91 30.05
C ALA A 632 0.16 10.06 29.45
N LEU A 633 0.50 9.26 28.44
CA LEU A 633 -0.46 8.33 27.86
C LEU A 633 -0.86 7.26 28.87
N CYS A 634 0.08 6.78 29.67
CA CYS A 634 -0.23 5.75 30.66
C CYS A 634 -1.01 6.30 31.84
N LYS A 635 -0.79 7.57 32.19
CA LYS A 635 -1.59 8.18 33.25
C LYS A 635 -3.06 8.25 32.85
N ASP A 636 -3.34 8.60 31.60
CA ASP A 636 -4.71 8.69 31.12
C ASP A 636 -5.39 7.32 31.04
N ASN A 637 -4.62 6.23 31.16
CA ASN A 637 -5.15 4.88 31.11
C ASN A 637 -5.91 4.61 29.80
N ILE A 638 -5.43 5.18 28.70
CA ILE A 638 -6.04 4.94 27.41
C ILE A 638 -5.92 3.47 27.03
N TYR A 639 -4.74 2.89 27.23
CA TYR A 639 -4.50 1.47 26.98
C TYR A 639 -4.11 0.80 28.29
N PRO A 640 -5.00 0.02 28.90
CA PRO A 640 -4.67 -0.60 30.20
C PRO A 640 -3.51 -1.57 30.13
N ALA A 641 -3.15 -2.07 28.95
CA ALA A 641 -2.00 -2.97 28.84
C ALA A 641 -0.70 -2.25 29.20
N PHE A 642 -0.60 -0.96 28.91
CA PHE A 642 0.61 -0.19 29.17
C PHE A 642 0.59 0.50 30.54
N GLN A 643 -0.44 0.26 31.35
CA GLN A 643 -0.59 1.00 32.60
C GLN A 643 0.57 0.76 33.57
N MET A 644 1.26 -0.37 33.47
CA MET A 644 2.37 -0.63 34.38
C MET A 644 3.53 0.32 34.14
N PHE A 645 3.57 1.01 33.00
CA PHE A 645 4.61 1.99 32.69
C PHE A 645 4.31 3.37 33.26
N ALA A 646 3.15 3.55 33.90
CA ALA A 646 2.78 4.87 34.40
C ALA A 646 3.60 5.28 35.62
N LYS A 647 4.23 4.32 36.30
CA LYS A 647 4.97 4.65 37.52
C LYS A 647 6.18 5.52 37.21
N GLY A 648 6.39 6.52 38.04
CA GLY A 648 7.54 7.39 37.92
C GLY A 648 8.30 7.46 39.22
N TYR A 649 9.58 7.79 39.13
CA TYR A 649 10.47 7.85 40.27
C TYR A 649 11.12 9.23 40.35
N GLY A 650 11.61 9.55 41.55
CA GLY A 650 12.32 10.79 41.77
C GLY A 650 11.39 11.95 42.09
N LYS A 651 12.02 13.09 42.45
CA LYS A 651 11.27 14.29 42.78
C LYS A 651 10.54 14.85 41.57
N ASN A 652 11.13 14.74 40.38
CA ASN A 652 10.56 15.31 39.16
C ASN A 652 9.62 14.34 38.45
N ASN A 653 9.33 13.19 39.05
CA ASN A 653 8.45 12.18 38.47
C ASN A 653 8.98 11.70 37.11
N GLU A 654 10.19 11.15 37.15
CA GLU A 654 10.86 10.67 35.94
C GLU A 654 10.28 9.32 35.55
N PRO A 655 9.82 9.14 34.31
CA PRO A 655 9.27 7.84 33.87
C PRO A 655 10.36 6.79 33.64
N LEU A 656 10.88 6.25 34.74
CA LEU A 656 11.98 5.30 34.64
C LEU A 656 11.56 4.04 33.87
N ARG A 657 10.34 3.56 34.12
CA ARG A 657 9.84 2.41 33.35
C ARG A 657 9.67 2.77 31.87
N GLY A 658 9.15 3.97 31.60
CA GLY A 658 9.09 4.42 30.21
C GLY A 658 10.46 4.67 29.62
N TYR A 659 11.38 5.20 30.42
CA TYR A 659 12.75 5.40 29.95
C TYR A 659 13.39 4.09 29.57
N ILE A 660 13.16 3.03 30.36
CA ILE A 660 13.71 1.72 30.02
C ILE A 660 13.11 1.22 28.70
N LEU A 661 11.80 1.41 28.50
CA LEU A 661 11.19 0.95 27.27
C LEU A 661 11.74 1.67 26.05
N THR A 662 11.85 3.00 26.12
CA THR A 662 12.40 3.72 24.97
C THR A 662 13.88 3.41 24.77
N PHE A 663 14.62 3.15 25.86
CA PHE A 663 16.01 2.75 25.73
C PHE A 663 16.12 1.41 25.02
N LEU A 664 15.26 0.46 25.37
CA LEU A 664 15.27 -0.84 24.69
C LEU A 664 14.89 -0.71 23.22
N ILE A 665 13.90 0.12 22.90
CA ILE A 665 13.52 0.30 21.50
C ILE A 665 14.68 0.93 20.71
N ALA A 666 15.27 1.98 21.27
CA ALA A 666 16.39 2.63 20.60
C ALA A 666 17.57 1.68 20.44
N LEU A 667 17.89 0.91 21.48
CA LEU A 667 18.99 -0.04 21.38
C LEU A 667 18.71 -1.08 20.31
N GLY A 668 17.48 -1.62 20.28
CA GLY A 668 17.15 -2.61 19.27
C GLY A 668 17.29 -2.06 17.86
N PHE A 669 16.94 -0.79 17.67
CA PHE A 669 17.13 -0.19 16.35
C PHE A 669 18.58 0.27 16.14
N ILE A 670 19.41 0.27 17.17
CA ILE A 670 20.84 0.54 16.99
C ILE A 670 21.60 -0.73 16.61
N LEU A 671 21.18 -1.90 17.11
CA LEU A 671 21.82 -3.15 16.69
C LEU A 671 21.81 -3.32 15.18
N ILE A 672 20.81 -2.77 14.49
CA ILE A 672 20.93 -2.54 13.06
C ILE A 672 21.61 -1.18 12.87
N ALA A 673 22.75 -1.18 12.19
CA ALA A 673 23.69 -0.07 12.26
C ALA A 673 23.89 0.59 10.90
N GLU A 674 22.80 0.75 10.15
CA GLU A 674 22.84 1.48 8.88
C GLU A 674 21.87 2.65 8.97
N LEU A 675 22.39 3.85 8.74
CA LEU A 675 21.53 5.03 8.78
C LEU A 675 20.50 5.01 7.66
N ASN A 676 20.88 4.47 6.50
CA ASN A 676 19.99 4.47 5.34
C ASN A 676 18.87 3.45 5.45
N VAL A 677 18.89 2.57 6.45
CA VAL A 677 17.78 1.63 6.63
C VAL A 677 16.93 2.09 7.81
N ILE A 678 17.54 2.78 8.78
CA ILE A 678 16.78 3.29 9.91
C ILE A 678 15.97 4.52 9.49
N ALA A 679 16.57 5.40 8.68
CA ALA A 679 15.90 6.64 8.28
C ALA A 679 14.55 6.42 7.61
N PRO A 680 14.36 5.46 6.70
CA PRO A 680 13.01 5.24 6.16
C PRO A 680 11.98 4.87 7.22
N ILE A 681 12.38 4.12 8.25
CA ILE A 681 11.44 3.81 9.34
C ILE A 681 11.04 5.08 10.09
N ILE A 682 12.01 5.96 10.34
CA ILE A 682 11.71 7.25 10.95
C ILE A 682 10.74 8.03 10.08
N SER A 683 10.99 8.04 8.77
CA SER A 683 10.09 8.74 7.85
C SER A 683 8.69 8.17 7.93
N ASN A 684 8.57 6.85 7.92
CA ASN A 684 7.26 6.22 7.99
C ASN A 684 6.51 6.64 9.25
N PHE A 685 7.17 6.54 10.40
CA PHE A 685 6.45 6.78 11.65
C PHE A 685 6.15 8.27 11.87
N PHE A 686 7.08 9.14 11.48
CA PHE A 686 6.81 10.57 11.63
C PHE A 686 5.76 11.04 10.63
N LEU A 687 5.75 10.48 9.43
CA LEU A 687 4.69 10.79 8.48
C LEU A 687 3.35 10.29 8.98
N ALA A 688 3.32 9.12 9.63
CA ALA A 688 2.08 8.64 10.22
C ALA A 688 1.60 9.57 11.32
N SER A 689 2.51 10.04 12.18
CA SER A 689 2.14 10.97 13.24
C SER A 689 1.61 12.28 12.67
N TYR A 690 2.26 12.80 11.64
CA TYR A 690 1.83 14.05 11.05
C TYR A 690 0.49 13.91 10.34
N ALA A 691 0.27 12.77 9.67
CA ALA A 691 -1.01 12.51 9.05
C ALA A 691 -2.11 12.40 10.11
N LEU A 692 -1.83 11.72 11.23
CA LEU A 692 -2.78 11.70 12.34
C LEU A 692 -3.11 13.10 12.84
N ILE A 693 -2.09 13.95 13.03
CA ILE A 693 -2.36 15.30 13.55
C ILE A 693 -3.22 16.08 12.57
N ASN A 694 -2.84 16.07 11.29
CA ASN A 694 -3.58 16.81 10.28
C ASN A 694 -5.00 16.30 10.15
N PHE A 695 -5.17 14.97 10.08
CA PHE A 695 -6.49 14.41 9.95
C PHE A 695 -7.33 14.65 11.20
N SER A 696 -6.71 14.65 12.37
CA SER A 696 -7.43 14.92 13.60
C SER A 696 -7.97 16.34 13.62
N VAL A 697 -7.15 17.31 13.26
CA VAL A 697 -7.66 18.69 13.26
C VAL A 697 -8.72 18.86 12.17
N PHE A 698 -8.54 18.23 11.01
CA PHE A 698 -9.54 18.34 9.96
C PHE A 698 -10.86 17.71 10.39
N HIS A 699 -10.79 16.53 11.02
CA HIS A 699 -11.98 15.82 11.44
C HIS A 699 -12.69 16.56 12.56
N ALA A 700 -11.93 17.20 13.45
CA ALA A 700 -12.56 18.01 14.49
C ALA A 700 -13.25 19.23 13.90
N SER A 701 -12.62 19.86 12.90
CA SER A 701 -13.25 21.01 12.27
C SER A 701 -14.51 20.60 11.52
N LEU A 702 -14.49 19.42 10.88
CA LEU A 702 -15.65 18.96 10.12
C LEU A 702 -16.77 18.53 11.04
N ALA A 703 -16.46 17.78 12.10
CA ALA A 703 -17.46 17.29 13.03
C ALA A 703 -18.00 18.37 13.95
N LYS A 704 -17.37 19.55 13.97
CA LYS A 704 -17.74 20.64 14.88
C LYS A 704 -17.77 20.15 16.33
N SER A 705 -16.63 19.61 16.75
CA SER A 705 -16.52 19.08 18.10
C SER A 705 -16.70 20.21 19.11
N PRO A 706 -17.32 19.93 20.26
CA PRO A 706 -17.58 21.01 21.22
C PRO A 706 -16.33 21.70 21.73
N GLY A 707 -15.24 20.96 21.90
CA GLY A 707 -14.01 21.51 22.40
C GLY A 707 -13.05 22.01 21.36
N TRP A 708 -13.46 22.10 20.10
CA TRP A 708 -12.58 22.50 19.00
C TRP A 708 -13.01 23.86 18.50
N ARG A 709 -12.26 24.90 18.88
CA ARG A 709 -12.48 26.26 18.38
C ARG A 709 -11.13 26.96 18.27
N PRO A 710 -10.32 26.57 17.30
CA PRO A 710 -8.98 27.14 17.18
C PRO A 710 -9.02 28.63 16.85
N ALA A 711 -8.06 29.35 17.40
CA ALA A 711 -7.95 30.79 17.18
C ALA A 711 -6.89 31.16 16.16
N PHE A 712 -6.18 30.19 15.60
CA PHE A 712 -5.12 30.49 14.64
C PHE A 712 -5.72 31.05 13.35
N LYS A 713 -5.16 32.16 12.89
CA LYS A 713 -5.70 32.83 11.71
C LYS A 713 -5.41 32.07 10.43
N TYR A 714 -4.25 31.43 10.34
CA TYR A 714 -3.79 30.78 9.11
C TYR A 714 -4.00 29.28 9.14
N TYR A 715 -5.05 28.82 9.81
CA TYR A 715 -5.42 27.41 9.84
C TYR A 715 -6.65 27.19 8.97
N ASN A 716 -6.57 26.22 8.08
CA ASN A 716 -7.68 25.84 7.23
C ASN A 716 -7.86 24.33 7.31
N MET A 717 -9.10 23.88 7.50
CA MET A 717 -9.35 22.45 7.66
C MET A 717 -9.06 21.68 6.38
N TRP A 718 -9.23 22.31 5.22
CA TRP A 718 -8.97 21.63 3.96
C TRP A 718 -7.48 21.51 3.68
N ILE A 719 -6.68 22.48 4.10
CA ILE A 719 -5.23 22.37 3.97
C ILE A 719 -4.70 21.27 4.89
N SER A 720 -5.29 21.14 6.08
CA SER A 720 -4.91 20.04 6.96
C SER A 720 -5.27 18.68 6.38
N LEU A 721 -6.44 18.58 5.76
CA LEU A 721 -6.81 17.34 5.08
C LEU A 721 -5.85 17.05 3.93
N LEU A 722 -5.48 18.07 3.19
CA LEU A 722 -4.50 17.91 2.11
C LEU A 722 -3.17 17.41 2.66
N GLY A 723 -2.74 17.95 3.79
CA GLY A 723 -1.49 17.49 4.39
C GLY A 723 -1.57 16.05 4.86
N ALA A 724 -2.69 15.66 5.46
CA ALA A 724 -2.86 14.27 5.87
C ALA A 724 -2.83 13.33 4.68
N ILE A 725 -3.52 13.70 3.60
CA ILE A 725 -3.54 12.88 2.39
C ILE A 725 -2.13 12.77 1.80
N LEU A 726 -1.41 13.89 1.77
CA LEU A 726 -0.05 13.89 1.23
C LEU A 726 0.87 13.00 2.06
N CYS A 727 0.78 13.09 3.38
CA CYS A 727 1.58 12.23 4.24
C CYS A 727 1.26 10.76 4.01
N CYS A 728 -0.03 10.43 3.91
CA CYS A 728 -0.42 9.05 3.68
C CYS A 728 0.11 8.52 2.37
N ILE A 729 -0.07 9.28 1.29
CA ILE A 729 0.39 8.84 -0.02
C ILE A 729 1.91 8.68 -0.01
N VAL A 730 2.62 9.62 0.59
CA VAL A 730 4.09 9.58 0.58
C VAL A 730 4.59 8.37 1.35
N MET A 731 4.02 8.11 2.53
CA MET A 731 4.49 6.98 3.33
C MET A 731 4.09 5.65 2.69
N PHE A 732 3.02 5.62 1.90
CA PHE A 732 2.73 4.40 1.16
C PHE A 732 3.69 4.22 -0.01
N VAL A 733 4.08 5.33 -0.66
CA VAL A 733 5.01 5.25 -1.77
C VAL A 733 6.39 4.81 -1.30
N ILE A 734 6.81 5.29 -0.12
CA ILE A 734 8.12 4.92 0.42
C ILE A 734 8.19 3.43 0.69
N ASN A 735 7.19 2.90 1.40
CA ASN A 735 7.16 1.49 1.75
C ASN A 735 5.69 1.12 1.99
N TRP A 736 5.10 0.37 1.06
CA TRP A 736 3.66 0.14 1.11
C TRP A 736 3.28 -0.77 2.26
N TRP A 737 4.08 -1.81 2.54
CA TRP A 737 3.66 -2.75 3.58
C TRP A 737 3.90 -2.19 4.97
N ALA A 738 4.99 -1.45 5.17
CA ALA A 738 5.19 -0.79 6.47
C ALA A 738 4.07 0.21 6.73
N ALA A 739 3.69 0.98 5.70
CA ALA A 739 2.60 1.92 5.85
C ALA A 739 1.29 1.20 6.12
N LEU A 740 1.04 0.09 5.43
CA LEU A 740 -0.18 -0.67 5.65
C LEU A 740 -0.25 -1.19 7.07
N LEU A 741 0.87 -1.69 7.60
CA LEU A 741 0.90 -2.15 8.98
C LEU A 741 0.65 -0.99 9.94
N THR A 742 1.24 0.17 9.65
CA THR A 742 1.03 1.34 10.51
C THR A 742 -0.43 1.75 10.56
N TYR A 743 -1.10 1.78 9.40
CA TYR A 743 -2.51 2.15 9.39
C TYR A 743 -3.41 1.08 10.00
N VAL A 744 -3.06 -0.19 9.83
CA VAL A 744 -3.83 -1.24 10.49
C VAL A 744 -3.75 -1.06 12.00
N ILE A 745 -2.54 -0.80 12.51
CA ILE A 745 -2.38 -0.60 13.95
C ILE A 745 -3.13 0.66 14.41
N VAL A 746 -3.03 1.74 13.63
CA VAL A 746 -3.68 2.99 14.03
C VAL A 746 -5.19 2.84 14.05
N LEU A 747 -5.76 2.20 13.03
CA LEU A 747 -7.20 1.97 13.00
C LEU A 747 -7.64 1.06 14.13
N GLY A 748 -6.84 0.03 14.43
CA GLY A 748 -7.16 -0.84 15.55
C GLY A 748 -7.20 -0.09 16.86
N LEU A 749 -6.19 0.75 17.11
CA LEU A 749 -6.17 1.54 18.33
C LEU A 749 -7.35 2.51 18.39
N TYR A 750 -7.65 3.17 17.27
CA TYR A 750 -8.76 4.11 17.24
C TYR A 750 -10.08 3.42 17.55
N ILE A 751 -10.31 2.26 16.95
CA ILE A 751 -11.55 1.54 17.19
C ILE A 751 -11.60 1.02 18.62
N TYR A 752 -10.47 0.55 19.15
CA TYR A 752 -10.45 0.06 20.53
C TYR A 752 -10.79 1.17 21.52
N VAL A 753 -10.20 2.35 21.32
CA VAL A 753 -10.47 3.46 22.24
C VAL A 753 -11.90 3.96 22.07
N THR A 754 -12.40 3.99 20.84
CA THR A 754 -13.75 4.49 20.60
C THR A 754 -14.78 3.64 21.34
N TYR A 755 -14.63 2.32 21.33
CA TYR A 755 -15.54 1.40 22.00
C TYR A 755 -14.79 0.81 23.19
N LYS A 756 -14.83 1.53 24.31
CA LYS A 756 -14.13 1.14 25.52
C LYS A 756 -15.05 1.39 26.71
N LYS A 757 -14.78 0.66 27.79
CA LYS A 757 -15.58 0.77 29.01
C LYS A 757 -15.27 2.07 29.73
N LYS B 288 -43.36 -17.51 -4.91
CA LYS B 288 -42.06 -16.88 -4.94
C LYS B 288 -40.97 -17.87 -5.32
N PHE B 289 -39.75 -17.65 -4.83
CA PHE B 289 -38.60 -18.47 -5.15
C PHE B 289 -38.11 -19.18 -3.89
N GLY B 290 -37.80 -20.46 -4.05
CA GLY B 290 -37.21 -21.23 -2.96
C GLY B 290 -35.73 -20.97 -2.82
N TRP B 291 -35.13 -21.68 -1.87
CA TRP B 291 -33.71 -21.49 -1.62
C TRP B 291 -32.84 -22.13 -2.71
N ILE B 292 -33.36 -23.14 -3.41
CA ILE B 292 -32.58 -23.78 -4.45
C ILE B 292 -32.60 -22.95 -5.73
N LYS B 293 -33.80 -22.62 -6.22
CA LYS B 293 -33.92 -21.88 -7.46
C LYS B 293 -33.76 -20.38 -7.26
N GLY B 294 -33.75 -19.91 -6.02
CA GLY B 294 -33.68 -18.48 -5.77
C GLY B 294 -32.35 -18.02 -5.22
N VAL B 295 -31.58 -18.93 -4.64
CA VAL B 295 -30.27 -18.62 -4.08
C VAL B 295 -29.19 -19.55 -4.63
N LEU B 296 -29.38 -20.86 -4.49
CA LEU B 296 -28.32 -21.82 -4.84
C LEU B 296 -28.00 -21.75 -6.33
N VAL B 297 -29.01 -21.83 -7.18
CA VAL B 297 -28.78 -21.86 -8.62
C VAL B 297 -28.16 -20.56 -9.10
N ARG B 298 -28.69 -19.43 -8.66
CA ARG B 298 -28.16 -18.15 -9.12
C ARG B 298 -26.77 -17.88 -8.56
N CYS B 299 -26.53 -18.28 -7.31
CA CYS B 299 -25.19 -18.12 -6.76
C CYS B 299 -24.17 -18.96 -7.53
N MET B 300 -24.50 -20.22 -7.84
CA MET B 300 -23.58 -21.03 -8.62
C MET B 300 -23.38 -20.46 -10.02
N LEU B 301 -24.45 -19.97 -10.64
CA LEU B 301 -24.33 -19.44 -11.99
C LEU B 301 -23.50 -18.16 -12.03
N ASN B 302 -23.60 -17.33 -10.98
CA ASN B 302 -22.80 -16.11 -10.93
C ASN B 302 -21.35 -16.45 -10.61
N ILE B 303 -21.11 -17.41 -9.72
CA ILE B 303 -19.74 -17.77 -9.36
C ILE B 303 -19.03 -18.42 -10.55
N TRP B 304 -19.66 -19.39 -11.19
CA TRP B 304 -19.06 -20.07 -12.34
C TRP B 304 -19.13 -19.14 -13.55
N GLY B 305 -17.98 -18.61 -13.94
CA GLY B 305 -17.94 -17.67 -15.04
C GLY B 305 -16.85 -17.94 -16.05
N VAL B 306 -16.00 -16.94 -16.28
CA VAL B 306 -15.03 -17.00 -17.36
C VAL B 306 -13.78 -17.78 -16.96
N MET B 307 -13.35 -17.67 -15.71
CA MET B 307 -12.08 -18.27 -15.31
C MET B 307 -12.16 -19.80 -15.35
N LEU B 308 -13.21 -20.37 -14.76
CA LEU B 308 -13.37 -21.83 -14.69
C LEU B 308 -13.06 -22.49 -16.03
N PHE B 309 -13.39 -21.82 -17.13
CA PHE B 309 -13.28 -22.44 -18.44
C PHE B 309 -12.08 -21.97 -19.25
N ILE B 310 -11.66 -20.72 -19.15
CA ILE B 310 -10.58 -20.28 -20.03
C ILE B 310 -9.38 -19.72 -19.28
N ARG B 311 -9.32 -19.88 -17.97
CA ARG B 311 -8.16 -19.42 -17.22
C ARG B 311 -7.72 -20.39 -16.13
N LEU B 312 -8.54 -21.36 -15.74
CA LEU B 312 -8.16 -22.28 -14.67
C LEU B 312 -6.97 -23.13 -15.07
N SER B 313 -6.95 -23.62 -16.32
CA SER B 313 -5.82 -24.40 -16.80
C SER B 313 -4.55 -23.55 -16.84
N TRP B 314 -4.67 -22.30 -17.29
CA TRP B 314 -3.52 -21.40 -17.30
C TRP B 314 -3.01 -21.13 -15.89
N ILE B 315 -3.93 -20.99 -14.94
CA ILE B 315 -3.54 -20.77 -13.54
C ILE B 315 -2.83 -21.99 -13.00
N VAL B 316 -3.34 -23.18 -13.30
CA VAL B 316 -2.69 -24.42 -12.88
C VAL B 316 -1.30 -24.53 -13.51
N GLY B 317 -1.17 -24.08 -14.76
CA GLY B 317 0.14 -24.09 -15.38
C GLY B 317 1.12 -23.12 -14.74
N GLN B 318 0.67 -21.89 -14.46
CA GLN B 318 1.57 -20.89 -13.91
C GLN B 318 2.01 -21.26 -12.50
N ALA B 319 1.05 -21.57 -11.63
CA ALA B 319 1.37 -22.10 -10.31
C ALA B 319 1.54 -23.60 -10.44
N GLY B 320 1.55 -24.30 -9.30
CA GLY B 320 1.50 -25.75 -9.30
C GLY B 320 0.07 -26.25 -9.13
N ILE B 321 -0.06 -27.57 -9.04
CA ILE B 321 -1.33 -28.15 -8.61
C ILE B 321 -1.59 -27.77 -7.15
N GLY B 322 -0.59 -27.97 -6.30
CA GLY B 322 -0.74 -27.62 -4.90
C GLY B 322 -0.90 -26.13 -4.68
N LEU B 323 -0.16 -25.32 -5.44
CA LEU B 323 -0.26 -23.88 -5.27
C LEU B 323 -1.57 -23.33 -5.82
N SER B 324 -2.08 -23.92 -6.92
CA SER B 324 -3.42 -23.55 -7.39
C SER B 324 -4.48 -23.96 -6.39
N VAL B 325 -4.32 -25.13 -5.76
CA VAL B 325 -5.23 -25.53 -4.71
C VAL B 325 -5.19 -24.52 -3.56
N LEU B 326 -4.00 -24.03 -3.22
CA LEU B 326 -3.87 -23.01 -2.19
C LEU B 326 -4.57 -21.71 -2.59
N VAL B 327 -4.44 -21.32 -3.86
CA VAL B 327 -5.14 -20.13 -4.36
C VAL B 327 -6.64 -20.30 -4.20
N ILE B 328 -7.16 -21.45 -4.60
CA ILE B 328 -8.60 -21.70 -4.52
C ILE B 328 -9.05 -21.72 -3.07
N MET B 329 -8.24 -22.28 -2.18
CA MET B 329 -8.59 -22.28 -0.76
C MET B 329 -8.59 -20.87 -0.17
N MET B 330 -7.64 -20.02 -0.56
CA MET B 330 -7.63 -18.65 -0.06
C MET B 330 -8.86 -17.89 -0.53
N ALA B 331 -9.19 -18.02 -1.82
CA ALA B 331 -10.40 -17.37 -2.33
C ALA B 331 -11.64 -17.91 -1.65
N THR B 332 -11.68 -19.22 -1.40
CA THR B 332 -12.81 -19.84 -0.73
C THR B 332 -12.94 -19.36 0.71
N VAL B 333 -11.81 -19.19 1.40
CA VAL B 333 -11.85 -18.67 2.76
C VAL B 333 -12.41 -17.25 2.77
N VAL B 334 -11.93 -16.41 1.85
CA VAL B 334 -12.43 -15.03 1.76
C VAL B 334 -13.94 -15.03 1.51
N THR B 335 -14.38 -15.78 0.50
CA THR B 335 -15.80 -15.78 0.16
C THR B 335 -16.65 -16.46 1.22
N THR B 336 -16.10 -17.42 1.96
CA THR B 336 -16.85 -18.07 3.03
C THR B 336 -17.05 -17.13 4.20
N ILE B 337 -16.01 -16.39 4.58
CA ILE B 337 -16.17 -15.40 5.64
C ILE B 337 -17.17 -14.32 5.22
N THR B 338 -17.06 -13.87 3.96
CA THR B 338 -18.01 -12.88 3.46
C THR B 338 -19.43 -13.45 3.43
N GLY B 339 -19.58 -14.72 3.10
CA GLY B 339 -20.90 -15.35 3.10
C GLY B 339 -21.47 -15.47 4.49
N LEU B 340 -20.62 -15.77 5.48
CA LEU B 340 -21.09 -15.79 6.86
C LEU B 340 -21.57 -14.41 7.30
N SER B 341 -20.81 -13.37 6.94
CA SER B 341 -21.24 -12.01 7.26
C SER B 341 -22.55 -11.67 6.56
N THR B 342 -22.68 -12.04 5.29
CA THR B 342 -23.91 -11.76 4.54
C THR B 342 -25.09 -12.51 5.11
N SER B 343 -24.87 -13.75 5.56
CA SER B 343 -25.93 -14.51 6.20
C SER B 343 -26.35 -13.89 7.52
N ALA B 344 -25.39 -13.36 8.28
CA ALA B 344 -25.74 -12.63 9.49
C ALA B 344 -26.58 -11.41 9.16
N ILE B 345 -26.21 -10.67 8.11
CA ILE B 345 -27.00 -9.52 7.68
C ILE B 345 -28.41 -9.95 7.30
N ALA B 346 -28.52 -11.05 6.56
CA ALA B 346 -29.83 -11.52 6.11
C ALA B 346 -30.70 -11.95 7.28
N THR B 347 -30.13 -12.67 8.25
CA THR B 347 -30.88 -13.10 9.42
C THR B 347 -31.22 -11.95 10.34
N ASN B 348 -30.48 -10.85 10.29
CA ASN B 348 -30.84 -9.67 11.07
C ASN B 348 -31.91 -8.86 10.35
N GLY B 349 -32.96 -8.50 11.07
CA GLY B 349 -33.97 -7.63 10.52
C GLY B 349 -35.26 -8.30 10.12
N PHE B 350 -35.88 -7.83 9.05
CA PHE B 350 -37.17 -8.32 8.61
C PHE B 350 -37.09 -8.75 7.15
N VAL B 351 -38.05 -9.60 6.75
CA VAL B 351 -38.05 -10.17 5.41
C VAL B 351 -38.27 -9.08 4.37
N ARG B 352 -39.18 -8.14 4.63
CA ARG B 352 -39.57 -7.15 3.64
C ARG B 352 -38.37 -6.33 3.19
N GLY B 353 -38.32 -6.05 1.89
CA GLY B 353 -37.22 -5.31 1.28
C GLY B 353 -36.36 -6.23 0.43
N GLY B 354 -35.98 -5.74 -0.74
CA GLY B 354 -35.23 -6.54 -1.68
C GLY B 354 -33.94 -5.85 -2.08
N GLY B 355 -32.94 -6.67 -2.40
CA GLY B 355 -31.64 -6.17 -2.79
C GLY B 355 -30.62 -6.27 -1.67
N ALA B 356 -29.39 -6.64 -2.01
CA ALA B 356 -28.34 -6.74 -1.01
C ALA B 356 -28.03 -5.38 -0.39
N TYR B 357 -28.05 -4.32 -1.21
CA TYR B 357 -27.81 -2.98 -0.69
C TYR B 357 -28.86 -2.60 0.33
N TYR B 358 -30.12 -2.96 0.08
CA TYR B 358 -31.19 -2.64 1.02
C TYR B 358 -30.94 -3.29 2.37
N LEU B 359 -30.62 -4.60 2.36
CA LEU B 359 -30.36 -5.29 3.62
C LEU B 359 -29.16 -4.69 4.33
N ILE B 360 -28.10 -4.38 3.60
CA ILE B 360 -26.90 -3.84 4.23
C ILE B 360 -27.18 -2.47 4.84
N SER B 361 -27.84 -1.59 4.08
CA SER B 361 -28.09 -0.24 4.56
C SER B 361 -29.05 -0.24 5.75
N ARG B 362 -30.09 -1.08 5.70
CA ARG B 362 -31.04 -1.11 6.80
C ARG B 362 -30.41 -1.71 8.05
N SER B 363 -29.62 -2.77 7.88
CA SER B 363 -28.99 -3.42 9.02
C SER B 363 -27.83 -2.62 9.56
N LEU B 364 -26.98 -2.05 8.68
CA LEU B 364 -25.71 -1.45 9.08
C LEU B 364 -25.57 -0.05 8.51
N GLY B 365 -26.21 0.92 9.17
CA GLY B 365 -25.96 2.32 8.93
C GLY B 365 -26.24 2.81 7.52
N PRO B 366 -26.27 4.13 7.36
CA PRO B 366 -26.28 4.70 6.00
C PRO B 366 -24.87 4.85 5.43
N GLU B 367 -23.87 5.00 6.29
CA GLU B 367 -22.52 5.24 5.82
C GLU B 367 -21.88 3.98 5.25
N PHE B 368 -21.82 2.92 6.06
CA PHE B 368 -21.36 1.64 5.56
C PHE B 368 -22.22 1.15 4.42
N GLY B 369 -23.54 1.31 4.55
CA GLY B 369 -24.43 0.89 3.48
C GLY B 369 -24.15 1.58 2.17
N GLY B 370 -23.98 2.91 2.21
CA GLY B 370 -23.70 3.65 1.00
C GLY B 370 -22.35 3.32 0.39
N ALA B 371 -21.31 3.21 1.23
CA ALA B 371 -20.00 2.86 0.72
C ALA B 371 -20.01 1.47 0.08
N ILE B 372 -20.62 0.50 0.76
CA ILE B 372 -20.70 -0.86 0.22
C ILE B 372 -21.50 -0.87 -1.08
N GLY B 373 -22.62 -0.15 -1.10
CA GLY B 373 -23.43 -0.12 -2.31
C GLY B 373 -22.68 0.45 -3.50
N LEU B 374 -22.01 1.58 -3.29
CA LEU B 374 -21.28 2.21 -4.40
C LEU B 374 -20.14 1.33 -4.88
N ILE B 375 -19.35 0.78 -3.95
CA ILE B 375 -18.22 -0.05 -4.34
C ILE B 375 -18.71 -1.32 -5.04
N PHE B 376 -19.78 -1.93 -4.54
CA PHE B 376 -20.31 -3.15 -5.16
C PHE B 376 -20.91 -2.86 -6.52
N ALA B 377 -21.58 -1.72 -6.68
CA ALA B 377 -22.13 -1.36 -7.99
C ALA B 377 -21.01 -1.18 -9.00
N PHE B 378 -19.93 -0.49 -8.60
CA PHE B 378 -18.79 -0.35 -9.51
C PHE B 378 -18.15 -1.69 -9.80
N ALA B 379 -18.06 -2.56 -8.80
CA ALA B 379 -17.46 -3.87 -8.99
C ALA B 379 -18.26 -4.70 -9.98
N ASN B 380 -19.59 -4.68 -9.86
CA ASN B 380 -20.42 -5.41 -10.81
C ASN B 380 -20.35 -4.79 -12.21
N ALA B 381 -20.27 -3.46 -12.27
CA ALA B 381 -20.16 -2.81 -13.58
C ALA B 381 -18.88 -3.21 -14.30
N VAL B 382 -17.77 -3.31 -13.58
CA VAL B 382 -16.54 -3.74 -14.23
C VAL B 382 -16.51 -5.26 -14.43
N ALA B 383 -17.21 -6.01 -13.59
CA ALA B 383 -17.31 -7.45 -13.80
C ALA B 383 -18.08 -7.77 -15.07
N VAL B 384 -19.06 -6.93 -15.43
CA VAL B 384 -19.73 -7.08 -16.71
C VAL B 384 -18.71 -7.05 -17.83
N ALA B 385 -17.81 -6.08 -17.79
CA ALA B 385 -16.77 -5.96 -18.81
C ALA B 385 -15.85 -7.17 -18.79
N MET B 386 -15.46 -7.64 -17.60
CA MET B 386 -14.62 -8.84 -17.52
C MET B 386 -15.27 -10.02 -18.21
N TYR B 387 -16.53 -10.31 -17.86
CA TYR B 387 -17.19 -11.48 -18.41
C TYR B 387 -17.42 -11.34 -19.91
N VAL B 388 -17.78 -10.14 -20.37
CA VAL B 388 -18.00 -9.93 -21.80
C VAL B 388 -16.69 -10.05 -22.57
N VAL B 389 -15.58 -9.58 -21.99
CA VAL B 389 -14.29 -9.72 -22.65
C VAL B 389 -13.88 -11.18 -22.72
N GLY B 390 -14.16 -11.95 -21.68
CA GLY B 390 -13.90 -13.39 -21.74
C GLY B 390 -14.71 -14.07 -22.82
N PHE B 391 -15.99 -13.74 -22.92
CA PHE B 391 -16.84 -14.30 -23.97
C PHE B 391 -16.32 -13.91 -25.35
N ALA B 392 -15.93 -12.66 -25.53
CA ALA B 392 -15.43 -12.20 -26.82
C ALA B 392 -14.11 -12.88 -27.17
N GLU B 393 -13.24 -13.09 -26.17
CA GLU B 393 -12.00 -13.80 -26.42
C GLU B 393 -12.27 -15.22 -26.89
N THR B 394 -13.23 -15.90 -26.25
CA THR B 394 -13.60 -17.24 -26.70
C THR B 394 -14.15 -17.22 -28.11
N VAL B 395 -14.98 -16.22 -28.43
CA VAL B 395 -15.57 -16.13 -29.77
C VAL B 395 -14.47 -15.92 -30.82
N VAL B 396 -13.52 -15.04 -30.53
CA VAL B 396 -12.43 -14.77 -31.48
C VAL B 396 -11.55 -16.00 -31.63
N GLU B 397 -11.32 -16.73 -30.53
CA GLU B 397 -10.54 -17.96 -30.62
C GLU B 397 -11.24 -18.99 -31.50
N LEU B 398 -12.56 -19.11 -31.38
CA LEU B 398 -13.30 -20.01 -32.25
C LEU B 398 -13.28 -19.54 -33.69
N LEU B 399 -13.35 -18.23 -33.92
CA LEU B 399 -13.31 -17.71 -35.29
C LEU B 399 -11.95 -17.91 -35.93
N LYS B 400 -10.88 -17.88 -35.14
CA LYS B 400 -9.54 -18.07 -35.69
C LYS B 400 -9.39 -19.43 -36.36
N GLU B 401 -10.15 -20.43 -35.91
CA GLU B 401 -10.09 -21.74 -36.54
C GLU B 401 -10.53 -21.67 -37.99
N HIS B 402 -11.53 -20.84 -38.29
CA HIS B 402 -12.00 -20.63 -39.64
C HIS B 402 -11.30 -19.47 -40.34
N SER B 403 -10.31 -18.87 -39.69
CA SER B 403 -9.54 -17.75 -40.26
C SER B 403 -10.44 -16.59 -40.64
N ILE B 404 -11.42 -16.29 -39.79
CA ILE B 404 -12.35 -15.18 -39.99
C ILE B 404 -11.85 -14.05 -39.10
N LEU B 405 -11.02 -13.17 -39.66
CA LEU B 405 -10.49 -12.00 -38.96
C LEU B 405 -11.03 -10.76 -39.64
N MET B 406 -11.58 -9.84 -38.85
CA MET B 406 -12.14 -8.61 -39.41
C MET B 406 -11.10 -7.50 -39.45
N ILE B 407 -10.55 -7.13 -38.30
CA ILE B 407 -9.51 -6.09 -38.25
C ILE B 407 -8.26 -6.66 -37.58
N ASP B 408 -8.38 -7.03 -36.32
CA ASP B 408 -7.26 -7.53 -35.53
C ASP B 408 -7.82 -8.32 -34.36
N GLU B 409 -6.97 -9.17 -33.78
CA GLU B 409 -7.42 -10.02 -32.68
C GLU B 409 -7.95 -9.17 -31.52
N ILE B 410 -7.16 -8.19 -31.09
CA ILE B 410 -7.63 -7.29 -30.04
C ILE B 410 -8.82 -6.47 -30.51
N ASN B 411 -8.77 -5.98 -31.75
CA ASN B 411 -9.87 -5.19 -32.28
C ASN B 411 -11.13 -6.04 -32.45
N ASP B 412 -10.98 -7.28 -32.90
CA ASP B 412 -12.14 -8.16 -32.98
C ASP B 412 -12.72 -8.44 -31.60
N ILE B 413 -11.85 -8.63 -30.60
CA ILE B 413 -12.33 -8.82 -29.23
C ILE B 413 -13.12 -7.61 -28.78
N ARG B 414 -12.60 -6.41 -29.08
CA ARG B 414 -13.29 -5.18 -28.69
C ARG B 414 -14.65 -5.06 -29.38
N ILE B 415 -14.71 -5.34 -30.67
CA ILE B 415 -15.96 -5.22 -31.40
C ILE B 415 -16.99 -6.22 -30.90
N ILE B 416 -16.57 -7.48 -30.72
CA ILE B 416 -17.48 -8.51 -30.22
C ILE B 416 -17.94 -8.17 -28.82
N GLY B 417 -17.04 -7.63 -27.98
CA GLY B 417 -17.44 -7.25 -26.65
C GLY B 417 -18.44 -6.11 -26.62
N ALA B 418 -18.24 -5.11 -27.48
CA ALA B 418 -19.20 -4.01 -27.56
C ALA B 418 -20.56 -4.51 -28.02
N ILE B 419 -20.59 -5.35 -29.06
CA ILE B 419 -21.86 -5.90 -29.53
C ILE B 419 -22.52 -6.73 -28.43
N THR B 420 -21.73 -7.54 -27.73
CA THR B 420 -22.27 -8.40 -26.68
C THR B 420 -22.84 -7.59 -25.53
N VAL B 421 -22.15 -6.53 -25.10
CA VAL B 421 -22.64 -5.74 -23.98
C VAL B 421 -23.89 -4.96 -24.39
N VAL B 422 -23.96 -4.50 -25.66
CA VAL B 422 -25.16 -3.83 -26.13
C VAL B 422 -26.35 -4.80 -26.11
N ILE B 423 -26.13 -6.03 -26.61
CA ILE B 423 -27.21 -7.00 -26.63
C ILE B 423 -27.63 -7.39 -25.21
N LEU B 424 -26.66 -7.55 -24.31
CA LEU B 424 -27.00 -7.90 -22.93
C LEU B 424 -27.76 -6.78 -22.24
N LEU B 425 -27.38 -5.53 -22.49
CA LEU B 425 -28.12 -4.40 -21.93
C LEU B 425 -29.55 -4.38 -22.48
N GLY B 426 -29.70 -4.63 -23.79
CA GLY B 426 -31.03 -4.72 -24.35
C GLY B 426 -31.86 -5.82 -23.72
N ILE B 427 -31.24 -6.97 -23.48
CA ILE B 427 -31.93 -8.09 -22.84
C ILE B 427 -32.39 -7.70 -21.44
N SER B 428 -31.49 -7.07 -20.68
CA SER B 428 -31.83 -6.66 -19.32
C SER B 428 -32.98 -5.65 -19.32
N VAL B 429 -32.96 -4.70 -20.24
CA VAL B 429 -34.01 -3.69 -20.30
C VAL B 429 -35.33 -4.30 -20.70
N ALA B 430 -35.34 -5.14 -21.74
CA ALA B 430 -36.59 -5.60 -22.33
C ALA B 430 -37.06 -6.94 -21.75
N GLY B 431 -36.27 -8.00 -21.95
CA GLY B 431 -36.73 -9.34 -21.63
C GLY B 431 -36.16 -9.87 -20.33
N MET B 432 -36.99 -9.95 -19.29
CA MET B 432 -36.58 -10.47 -18.01
C MET B 432 -37.47 -11.61 -17.51
N GLU B 433 -38.58 -11.89 -18.21
CA GLU B 433 -39.46 -12.97 -17.78
C GLU B 433 -38.86 -14.33 -18.09
N TRP B 434 -38.10 -14.44 -19.18
CA TRP B 434 -37.45 -15.69 -19.55
C TRP B 434 -36.33 -16.09 -18.59
N GLU B 435 -35.83 -15.15 -17.78
CA GLU B 435 -34.64 -15.41 -16.98
C GLU B 435 -34.89 -16.49 -15.95
N ALA B 436 -36.08 -16.50 -15.35
CA ALA B 436 -36.41 -17.55 -14.37
C ALA B 436 -36.33 -18.93 -15.01
N LYS B 437 -36.83 -19.06 -16.24
CA LYS B 437 -36.72 -20.32 -16.96
C LYS B 437 -35.35 -20.52 -17.60
N ALA B 438 -34.54 -19.47 -17.70
CA ALA B 438 -33.24 -19.57 -18.34
C ALA B 438 -32.12 -19.94 -17.37
N GLN B 439 -32.29 -19.65 -16.08
CA GLN B 439 -31.25 -20.00 -15.11
C GLN B 439 -31.02 -21.50 -15.07
N ILE B 440 -32.10 -22.28 -15.05
CA ILE B 440 -31.98 -23.73 -14.99
C ILE B 440 -31.32 -24.27 -16.25
N VAL B 441 -31.71 -23.75 -17.41
CA VAL B 441 -31.12 -24.21 -18.67
C VAL B 441 -29.63 -23.89 -18.70
N LEU B 442 -29.25 -22.68 -18.29
CA LEU B 442 -27.84 -22.30 -18.30
C LEU B 442 -27.04 -23.16 -17.33
N LEU B 443 -27.59 -23.42 -16.14
CA LEU B 443 -26.88 -24.26 -15.17
C LEU B 443 -26.73 -25.68 -15.69
N VAL B 444 -27.77 -26.22 -16.32
CA VAL B 444 -27.70 -27.57 -16.87
C VAL B 444 -26.65 -27.64 -17.97
N ILE B 445 -26.62 -26.62 -18.85
CA ILE B 445 -25.63 -26.60 -19.92
C ILE B 445 -24.22 -26.54 -19.35
N LEU B 446 -24.02 -25.70 -18.33
CA LEU B 446 -22.69 -25.57 -17.74
C LEU B 446 -22.25 -26.87 -17.06
N LEU B 447 -23.17 -27.52 -16.33
CA LEU B 447 -22.84 -28.80 -15.70
C LEU B 447 -22.55 -29.86 -16.74
N LEU B 448 -23.29 -29.85 -17.85
CA LEU B 448 -23.02 -30.79 -18.93
C LEU B 448 -21.65 -30.56 -19.53
N ALA B 449 -21.25 -29.30 -19.68
CA ALA B 449 -19.90 -29.00 -20.17
C ALA B 449 -18.84 -29.50 -19.20
N ILE B 450 -19.06 -29.30 -17.90
CA ILE B 450 -18.09 -29.77 -16.90
C ILE B 450 -17.96 -31.28 -16.97
N GLY B 451 -19.10 -31.97 -17.01
CA GLY B 451 -19.07 -33.43 -17.12
C GLY B 451 -18.43 -33.90 -18.40
N ASP B 452 -18.66 -33.18 -19.51
CA ASP B 452 -18.03 -33.54 -20.77
C ASP B 452 -16.52 -33.41 -20.69
N PHE B 453 -16.02 -32.34 -20.06
CA PHE B 453 -14.59 -32.22 -19.87
C PHE B 453 -14.04 -33.36 -19.01
N VAL B 454 -14.73 -33.68 -17.91
CA VAL B 454 -14.26 -34.72 -17.02
C VAL B 454 -14.23 -36.07 -17.74
N ILE B 455 -15.25 -36.34 -18.57
CA ILE B 455 -15.25 -37.55 -19.38
C ILE B 455 -14.09 -37.52 -20.37
N GLY B 456 -13.83 -36.36 -20.96
CA GLY B 456 -12.74 -36.26 -21.92
C GLY B 456 -11.38 -36.57 -21.30
N THR B 457 -11.17 -36.15 -20.05
CA THR B 457 -9.91 -36.46 -19.38
C THR B 457 -9.69 -37.96 -19.24
N PHE B 458 -10.74 -38.76 -19.27
CA PHE B 458 -10.65 -40.21 -19.10
C PHE B 458 -10.54 -40.95 -20.43
N ILE B 459 -10.46 -40.23 -21.55
CA ILE B 459 -10.36 -40.85 -22.85
C ILE B 459 -9.14 -40.29 -23.58
N PRO B 460 -7.93 -40.76 -23.26
CA PRO B 460 -6.75 -40.28 -24.00
C PRO B 460 -6.84 -40.66 -25.46
N LEU B 461 -6.38 -39.76 -26.32
CA LEU B 461 -6.42 -39.96 -27.76
C LEU B 461 -5.03 -39.65 -28.35
N GLU B 462 -4.65 -40.42 -29.36
CA GLU B 462 -3.37 -40.19 -30.01
C GLU B 462 -3.34 -38.83 -30.70
N SER B 463 -4.46 -38.42 -31.30
CA SER B 463 -4.49 -37.13 -32.00
C SER B 463 -4.30 -35.96 -31.05
N LYS B 464 -4.83 -36.07 -29.82
CA LYS B 464 -4.70 -34.98 -28.86
C LYS B 464 -3.31 -34.94 -28.22
N LYS B 465 -2.57 -36.05 -28.25
CA LYS B 465 -1.30 -36.12 -27.56
C LYS B 465 -0.29 -35.05 -27.97
N PRO B 466 -0.10 -34.72 -29.24
CA PRO B 466 0.87 -33.65 -29.57
C PRO B 466 0.55 -32.33 -28.90
N LYS B 467 -0.72 -32.02 -28.70
CA LYS B 467 -1.13 -30.78 -28.04
C LYS B 467 -1.19 -30.90 -26.53
N GLY B 468 -0.44 -31.83 -25.94
CA GLY B 468 -0.58 -32.15 -24.54
C GLY B 468 -1.61 -33.22 -24.33
N PHE B 469 -2.12 -33.30 -23.09
CA PHE B 469 -3.19 -34.21 -22.72
C PHE B 469 -2.81 -35.66 -23.05
N PHE B 470 -1.84 -36.16 -22.29
CA PHE B 470 -1.43 -37.55 -22.39
C PHE B 470 -2.26 -38.46 -21.49
N GLY B 471 -3.36 -37.96 -20.92
CA GLY B 471 -4.15 -38.73 -20.00
C GLY B 471 -3.69 -38.56 -18.57
N TYR B 472 -4.38 -39.24 -17.67
CA TYR B 472 -4.04 -39.19 -16.25
C TYR B 472 -2.78 -40.01 -16.03
N LYS B 473 -1.65 -39.33 -15.89
CA LYS B 473 -0.36 -39.98 -15.67
C LYS B 473 0.30 -39.39 -14.44
N SER B 474 0.98 -40.25 -13.68
CA SER B 474 1.70 -39.78 -12.50
C SER B 474 2.87 -38.89 -12.87
N GLU B 475 3.45 -39.08 -14.06
CA GLU B 475 4.55 -38.23 -14.50
C GLU B 475 4.09 -36.78 -14.66
N ILE B 476 2.92 -36.57 -15.26
CA ILE B 476 2.42 -35.22 -15.46
C ILE B 476 2.05 -34.58 -14.14
N PHE B 477 1.49 -35.36 -13.22
CA PHE B 477 1.14 -34.82 -11.91
C PHE B 477 2.36 -34.35 -11.16
N ASN B 478 3.45 -35.13 -11.19
CA ASN B 478 4.67 -34.75 -10.48
C ASN B 478 5.27 -33.48 -11.04
N GLU B 479 5.31 -33.36 -12.38
CA GLU B 479 5.85 -32.15 -12.98
C GLU B 479 5.00 -30.92 -12.65
N ASN B 480 3.68 -31.07 -12.68
CA ASN B 480 2.77 -29.94 -12.55
C ASN B 480 2.51 -29.54 -11.10
N PHE B 481 3.03 -30.29 -10.13
CA PHE B 481 2.76 -29.96 -8.73
C PHE B 481 3.48 -28.69 -8.29
N GLY B 482 4.67 -28.44 -8.81
CA GLY B 482 5.44 -27.28 -8.42
C GLY B 482 5.17 -26.08 -9.31
N PRO B 483 5.34 -24.88 -8.76
CA PRO B 483 5.09 -23.67 -9.55
C PRO B 483 6.10 -23.52 -10.69
N ASP B 484 5.62 -22.94 -11.78
CA ASP B 484 6.44 -22.65 -12.95
C ASP B 484 6.10 -21.25 -13.46
N PHE B 485 6.13 -20.28 -12.55
CA PHE B 485 5.76 -18.91 -12.91
C PHE B 485 6.70 -18.36 -13.98
N ARG B 486 6.12 -17.66 -14.94
CA ARG B 486 6.88 -17.02 -16.01
C ARG B 486 7.25 -15.60 -15.60
N GLU B 487 7.72 -14.81 -16.55
CA GLU B 487 8.08 -13.43 -16.28
C GLU B 487 6.85 -12.60 -15.94
N GLU B 488 7.01 -11.73 -14.93
CA GLU B 488 5.92 -10.87 -14.45
C GLU B 488 4.70 -11.69 -14.04
N GLU B 489 4.95 -12.85 -13.43
CA GLU B 489 3.88 -13.69 -12.92
C GLU B 489 4.31 -14.20 -11.55
N THR B 490 3.51 -13.88 -10.54
CA THR B 490 3.76 -14.30 -9.16
C THR B 490 2.56 -15.06 -8.65
N PHE B 491 2.64 -15.48 -7.39
CA PHE B 491 1.52 -16.18 -6.76
C PHE B 491 0.28 -15.29 -6.69
N PHE B 492 0.48 -14.01 -6.37
CA PHE B 492 -0.67 -13.13 -6.13
C PHE B 492 -1.20 -12.51 -7.42
N SER B 493 -0.36 -12.36 -8.44
CA SER B 493 -0.88 -11.99 -9.75
C SER B 493 -1.78 -13.09 -10.29
N VAL B 494 -1.35 -14.34 -10.16
CA VAL B 494 -2.21 -15.47 -10.52
C VAL B 494 -3.43 -15.53 -9.61
N PHE B 495 -3.23 -15.27 -8.31
CA PHE B 495 -4.37 -15.20 -7.40
C PHE B 495 -5.32 -14.06 -7.79
N ALA B 496 -4.77 -12.91 -8.19
CA ALA B 496 -5.62 -11.80 -8.60
C ALA B 496 -6.42 -12.15 -9.84
N ILE B 497 -5.81 -12.91 -10.76
CA ILE B 497 -6.54 -13.34 -11.95
C ILE B 497 -7.62 -14.35 -11.59
N PHE B 498 -7.32 -15.26 -10.66
CA PHE B 498 -8.29 -16.30 -10.33
C PHE B 498 -9.46 -15.76 -9.52
N PHE B 499 -9.20 -14.82 -8.61
CA PHE B 499 -10.19 -14.45 -7.60
C PHE B 499 -11.57 -14.10 -8.14
N PRO B 500 -11.73 -13.40 -9.28
CA PRO B 500 -13.08 -13.13 -9.79
C PRO B 500 -13.91 -14.39 -9.99
N ALA B 501 -13.24 -15.54 -10.14
CA ALA B 501 -13.97 -16.80 -10.22
C ALA B 501 -14.78 -17.06 -8.96
N ALA B 502 -14.20 -16.81 -7.80
CA ALA B 502 -14.86 -17.04 -6.52
C ALA B 502 -15.93 -16.01 -6.19
N THR B 503 -15.93 -14.87 -6.87
CA THR B 503 -16.92 -13.83 -6.59
C THR B 503 -18.27 -14.23 -7.16
N GLY B 504 -19.27 -13.41 -6.85
CA GLY B 504 -20.64 -13.71 -7.22
C GLY B 504 -21.47 -14.34 -6.13
N ILE B 505 -20.97 -14.38 -4.90
CA ILE B 505 -21.67 -15.03 -3.79
C ILE B 505 -22.88 -14.25 -3.30
N LEU B 506 -23.01 -12.98 -3.67
CA LEU B 506 -24.12 -12.15 -3.21
C LEU B 506 -25.31 -12.19 -4.18
N ALA B 507 -25.23 -12.99 -5.23
CA ALA B 507 -26.32 -13.06 -6.20
C ALA B 507 -27.61 -13.54 -5.54
N GLY B 508 -27.52 -14.47 -4.61
CA GLY B 508 -28.70 -14.90 -3.87
C GLY B 508 -29.27 -13.79 -3.01
N ALA B 509 -28.40 -12.94 -2.45
CA ALA B 509 -28.88 -11.84 -1.60
C ALA B 509 -29.48 -10.70 -2.41
N ASN B 510 -29.05 -10.51 -3.66
CA ASN B 510 -29.54 -9.38 -4.45
C ASN B 510 -31.03 -9.48 -4.75
N ILE B 511 -31.62 -10.66 -4.62
CA ILE B 511 -33.07 -10.80 -4.83
C ILE B 511 -33.73 -11.27 -3.54
N SER B 512 -33.18 -10.85 -2.40
CA SER B 512 -33.69 -11.31 -1.11
C SER B 512 -35.19 -11.03 -0.97
N GLY B 513 -35.67 -9.97 -1.61
CA GLY B 513 -37.09 -9.70 -1.58
C GLY B 513 -37.91 -10.77 -2.29
N ASP B 514 -37.35 -11.33 -3.37
CA ASP B 514 -38.07 -12.32 -4.17
C ASP B 514 -38.13 -13.68 -3.50
N LEU B 515 -37.33 -13.93 -2.48
CA LEU B 515 -37.30 -15.23 -1.82
C LEU B 515 -38.50 -15.39 -0.89
N ALA B 516 -38.94 -16.65 -0.73
CA ALA B 516 -40.05 -16.91 0.18
C ALA B 516 -39.63 -16.73 1.63
N ASP B 517 -38.49 -17.29 2.02
CA ASP B 517 -37.97 -17.20 3.38
C ASP B 517 -36.50 -16.80 3.32
N PRO B 518 -36.23 -15.51 3.12
CA PRO B 518 -34.84 -15.07 2.89
C PRO B 518 -33.89 -15.40 4.04
N GLN B 519 -34.35 -15.31 5.28
CA GLN B 519 -33.45 -15.48 6.42
C GLN B 519 -32.90 -16.90 6.50
N SER B 520 -33.61 -17.87 5.90
CA SER B 520 -33.09 -19.23 5.80
C SER B 520 -32.62 -19.58 4.41
N ALA B 521 -33.16 -18.93 3.37
CA ALA B 521 -32.75 -19.23 2.01
C ALA B 521 -31.35 -18.71 1.71
N ILE B 522 -31.05 -17.47 2.12
CA ILE B 522 -29.75 -16.89 1.80
C ILE B 522 -28.59 -17.64 2.44
N PRO B 523 -28.58 -17.91 3.76
CA PRO B 523 -27.39 -18.54 4.36
C PRO B 523 -27.03 -19.88 3.77
N LYS B 524 -27.94 -20.85 3.84
CA LYS B 524 -27.60 -22.20 3.39
C LYS B 524 -27.40 -22.25 1.89
N GLY B 525 -28.20 -21.50 1.13
CA GLY B 525 -28.01 -21.48 -0.31
C GLY B 525 -26.66 -20.93 -0.71
N THR B 526 -26.27 -19.78 -0.13
CA THR B 526 -24.97 -19.20 -0.45
C THR B 526 -23.82 -20.10 -0.01
N LEU B 527 -23.91 -20.67 1.19
CA LEU B 527 -22.82 -21.52 1.66
C LEU B 527 -22.69 -22.78 0.82
N LEU B 528 -23.81 -23.41 0.47
CA LEU B 528 -23.76 -24.60 -0.36
C LEU B 528 -23.23 -24.28 -1.75
N ALA B 529 -23.62 -23.13 -2.31
CA ALA B 529 -23.10 -22.75 -3.61
C ALA B 529 -21.59 -22.54 -3.56
N ILE B 530 -21.11 -21.88 -2.50
CA ILE B 530 -19.67 -21.69 -2.35
C ILE B 530 -18.97 -23.03 -2.26
N LEU B 531 -19.52 -23.95 -1.45
CA LEU B 531 -18.90 -25.25 -1.28
C LEU B 531 -18.84 -26.03 -2.60
N ILE B 532 -19.95 -26.06 -3.34
CA ILE B 532 -20.00 -26.82 -4.58
C ILE B 532 -19.05 -26.23 -5.61
N THR B 533 -19.06 -24.90 -5.76
CA THR B 533 -18.19 -24.27 -6.74
C THR B 533 -16.72 -24.47 -6.39
N THR B 534 -16.37 -24.38 -5.11
CA THR B 534 -14.99 -24.60 -4.71
C THR B 534 -14.57 -26.04 -4.94
N LEU B 535 -15.44 -27.00 -4.65
CA LEU B 535 -15.10 -28.40 -4.92
C LEU B 535 -14.89 -28.62 -6.41
N VAL B 536 -15.74 -28.04 -7.25
CA VAL B 536 -15.57 -28.19 -8.69
C VAL B 536 -14.27 -27.54 -9.15
N TYR B 537 -13.94 -26.36 -8.61
CA TYR B 537 -12.70 -25.70 -8.98
C TYR B 537 -11.49 -26.56 -8.61
N VAL B 538 -11.49 -27.12 -7.39
CA VAL B 538 -10.37 -27.93 -6.95
C VAL B 538 -10.25 -29.19 -7.80
N GLY B 539 -11.37 -29.86 -8.07
CA GLY B 539 -11.32 -31.05 -8.89
C GLY B 539 -10.83 -30.79 -10.30
N ILE B 540 -11.34 -29.71 -10.92
CA ILE B 540 -10.91 -29.37 -12.27
C ILE B 540 -9.44 -29.00 -12.29
N ALA B 541 -8.98 -28.24 -11.30
CA ALA B 541 -7.57 -27.86 -11.25
C ALA B 541 -6.68 -29.08 -11.15
N VAL B 542 -6.99 -29.99 -10.22
CA VAL B 542 -6.17 -31.19 -10.07
C VAL B 542 -6.21 -32.04 -11.33
N SER B 543 -7.40 -32.17 -11.94
CA SER B 543 -7.53 -33.00 -13.14
C SER B 543 -6.71 -32.44 -14.29
N VAL B 544 -6.86 -31.15 -14.58
CA VAL B 544 -6.16 -30.57 -15.73
C VAL B 544 -4.67 -30.51 -15.47
N GLY B 545 -4.26 -30.38 -14.20
CA GLY B 545 -2.84 -30.42 -13.90
C GLY B 545 -2.25 -31.82 -13.99
N SER B 546 -3.06 -32.84 -13.73
CA SER B 546 -2.57 -34.21 -13.78
C SER B 546 -2.74 -34.86 -15.15
N CYS B 547 -3.42 -34.20 -16.09
CA CYS B 547 -3.63 -34.80 -17.40
C CYS B 547 -2.97 -34.07 -18.57
N VAL B 548 -2.59 -32.80 -18.41
CA VAL B 548 -2.04 -32.00 -19.50
C VAL B 548 -0.69 -31.43 -19.07
N VAL B 549 0.30 -31.50 -19.97
CA VAL B 549 1.63 -30.98 -19.68
C VAL B 549 1.64 -29.47 -19.85
N ARG B 550 2.64 -28.83 -19.25
CA ARG B 550 2.75 -27.37 -19.29
C ARG B 550 3.03 -26.79 -20.67
N ASP B 551 3.96 -27.40 -21.40
CA ASP B 551 4.34 -26.93 -22.72
C ASP B 551 4.22 -28.07 -23.71
N ALA B 552 3.66 -27.77 -24.89
CA ALA B 552 3.51 -28.77 -25.93
C ALA B 552 3.48 -28.09 -27.29
N THR B 553 3.93 -28.82 -28.30
CA THR B 553 3.88 -28.35 -29.68
C THR B 553 2.51 -28.71 -30.27
N GLY B 554 2.38 -28.61 -31.58
CA GLY B 554 1.14 -28.98 -32.22
C GLY B 554 1.34 -29.79 -33.47
N ASN B 555 2.52 -30.40 -33.61
CA ASN B 555 2.88 -31.15 -34.81
C ASN B 555 2.96 -32.62 -34.45
N VAL B 556 2.53 -33.48 -35.37
CA VAL B 556 2.37 -34.90 -35.05
C VAL B 556 3.71 -35.59 -34.90
N ASN B 557 4.63 -35.42 -35.86
CA ASN B 557 5.82 -36.26 -35.91
C ASN B 557 6.90 -35.76 -34.93
N ASP B 558 6.53 -35.79 -33.65
CA ASP B 558 7.43 -35.49 -32.54
C ASP B 558 7.41 -36.69 -31.61
N THR B 559 8.26 -37.67 -31.90
CA THR B 559 8.41 -38.86 -31.08
C THR B 559 9.88 -39.09 -30.81
N ILE B 560 10.17 -39.66 -29.63
CA ILE B 560 11.54 -39.89 -29.20
C ILE B 560 11.70 -41.40 -29.07
N VAL B 561 12.18 -42.03 -30.14
CA VAL B 561 12.39 -43.48 -30.13
C VAL B 561 13.55 -43.83 -29.19
N THR B 562 14.66 -43.12 -29.31
CA THR B 562 15.83 -43.32 -28.47
C THR B 562 16.01 -42.08 -27.60
N GLU B 563 16.11 -42.28 -26.28
CA GLU B 563 16.25 -41.17 -25.37
C GLU B 563 17.59 -40.48 -25.55
N LEU B 564 17.57 -39.15 -25.55
CA LEU B 564 18.77 -38.34 -25.70
C LEU B 564 19.11 -37.73 -24.34
N THR B 565 20.24 -38.16 -23.77
CA THR B 565 20.74 -37.69 -22.49
C THR B 565 19.75 -37.92 -21.35
N ASN B 566 18.82 -38.85 -21.53
CA ASN B 566 17.83 -39.23 -20.50
C ASN B 566 17.05 -37.99 -20.03
N CYS B 567 16.28 -37.44 -20.96
CA CYS B 567 15.48 -36.26 -20.67
C CYS B 567 14.53 -36.52 -19.51
N THR B 568 14.48 -35.58 -18.57
CA THR B 568 13.73 -35.75 -17.33
C THR B 568 12.31 -35.22 -17.42
N SER B 569 11.92 -34.63 -18.55
CA SER B 569 10.57 -34.10 -18.69
C SER B 569 9.55 -35.23 -18.71
N ALA B 570 8.34 -34.93 -18.22
CA ALA B 570 7.27 -35.91 -18.25
C ALA B 570 6.90 -36.28 -19.68
N ALA B 571 6.85 -35.29 -20.58
CA ALA B 571 6.56 -35.56 -21.98
C ALA B 571 7.63 -36.44 -22.60
N CYS B 572 8.88 -36.29 -22.18
CA CYS B 572 9.95 -37.16 -22.67
C CYS B 572 9.68 -38.62 -22.29
N LYS B 573 9.22 -38.84 -21.05
CA LYS B 573 8.86 -40.18 -20.62
C LYS B 573 7.61 -40.70 -21.31
N LEU B 574 6.85 -39.84 -21.99
CA LEU B 574 5.64 -40.23 -22.69
C LEU B 574 5.86 -40.26 -24.20
N ASN B 575 7.09 -40.53 -24.62
CA ASN B 575 7.45 -40.71 -26.04
C ASN B 575 7.15 -39.46 -26.86
N PHE B 576 7.34 -38.29 -26.28
CA PHE B 576 7.22 -37.04 -27.01
C PHE B 576 8.39 -36.13 -26.66
N ASP B 577 8.74 -35.27 -27.60
CA ASP B 577 9.93 -34.41 -27.49
C ASP B 577 9.43 -32.98 -27.60
N PHE B 578 9.09 -32.39 -26.45
CA PHE B 578 8.72 -30.98 -26.38
C PHE B 578 9.85 -30.11 -25.85
N SER B 579 11.05 -30.66 -25.72
CA SER B 579 12.19 -29.89 -25.23
C SER B 579 12.50 -28.74 -26.18
N SER B 580 12.44 -28.99 -27.49
CA SER B 580 12.71 -27.94 -28.47
C SER B 580 11.68 -26.83 -28.43
N CYS B 581 10.52 -27.05 -27.81
CA CYS B 581 9.49 -26.03 -27.79
C CYS B 581 9.84 -24.90 -26.83
N GLU B 582 10.59 -25.21 -25.77
CA GLU B 582 10.86 -24.20 -24.74
C GLU B 582 11.74 -23.07 -25.28
N SER B 583 12.57 -23.34 -26.28
CA SER B 583 13.41 -22.29 -26.85
C SER B 583 12.57 -21.26 -27.60
N SER B 584 11.58 -21.72 -28.35
CA SER B 584 10.70 -20.90 -29.15
C SER B 584 9.41 -20.63 -28.39
N PRO B 585 8.54 -19.75 -28.91
CA PRO B 585 7.20 -19.66 -28.33
C PRO B 585 6.36 -20.88 -28.69
N CYS B 586 5.65 -21.41 -27.69
CA CYS B 586 4.80 -22.57 -27.87
C CYS B 586 3.36 -22.12 -28.06
N SER B 587 2.60 -22.93 -28.79
CA SER B 587 1.20 -22.63 -29.07
C SER B 587 0.22 -23.55 -28.36
N TYR B 588 0.71 -24.54 -27.61
CA TYR B 588 -0.15 -25.50 -26.92
C TYR B 588 0.40 -25.76 -25.52
N GLY B 589 -0.35 -26.55 -24.76
CA GLY B 589 -0.01 -26.83 -23.38
C GLY B 589 -0.76 -25.95 -22.40
N LEU B 590 -0.55 -26.23 -21.12
CA LEU B 590 -1.19 -25.44 -20.08
C LEU B 590 -0.74 -23.98 -20.11
N MET B 591 0.54 -23.76 -20.37
CA MET B 591 1.10 -22.42 -20.28
C MET B 591 0.72 -21.52 -21.44
N ASN B 592 0.36 -22.10 -22.59
CA ASN B 592 0.22 -21.33 -23.82
C ASN B 592 -1.19 -21.34 -24.39
N ASN B 593 -1.99 -22.36 -24.11
CA ASN B 593 -3.34 -22.47 -24.67
C ASN B 593 -4.35 -22.18 -23.58
N PHE B 594 -5.23 -21.21 -23.83
CA PHE B 594 -6.31 -20.89 -22.90
C PHE B 594 -7.52 -21.81 -23.07
N GLN B 595 -7.57 -22.59 -24.15
CA GLN B 595 -8.68 -23.49 -24.42
C GLN B 595 -8.25 -24.95 -24.22
N VAL B 596 -7.49 -25.21 -23.17
CA VAL B 596 -7.06 -26.57 -22.87
C VAL B 596 -8.25 -27.44 -22.54
N MET B 597 -9.19 -26.93 -21.75
CA MET B 597 -10.36 -27.71 -21.37
C MET B 597 -11.24 -28.03 -22.57
N SER B 598 -11.33 -27.10 -23.52
CA SER B 598 -12.08 -27.39 -24.75
C SER B 598 -11.41 -28.49 -25.56
N MET B 599 -10.08 -28.47 -25.63
CA MET B 599 -9.36 -29.52 -26.35
C MET B 599 -9.50 -30.87 -25.68
N VAL B 600 -9.43 -30.91 -24.35
CA VAL B 600 -9.45 -32.18 -23.63
C VAL B 600 -10.81 -32.86 -23.77
N SER B 601 -11.88 -32.08 -23.71
CA SER B 601 -13.22 -32.64 -23.70
C SER B 601 -13.52 -33.39 -25.00
N GLY B 602 -14.34 -34.43 -24.89
CA GLY B 602 -14.68 -35.22 -26.06
C GLY B 602 -15.51 -34.45 -27.08
N PHE B 603 -16.47 -33.67 -26.61
CA PHE B 603 -17.33 -32.87 -27.48
C PHE B 603 -16.92 -31.41 -27.32
N THR B 604 -16.13 -30.91 -28.26
CA THR B 604 -15.66 -29.53 -28.19
C THR B 604 -16.79 -28.50 -28.24
N PRO B 605 -17.78 -28.60 -29.13
CA PRO B 605 -18.84 -27.57 -29.14
C PRO B 605 -19.63 -27.48 -27.85
N LEU B 606 -19.71 -28.56 -27.08
CA LEU B 606 -20.40 -28.50 -25.80
C LEU B 606 -19.67 -27.58 -24.83
N ILE B 607 -18.34 -27.62 -24.82
CA ILE B 607 -17.57 -26.74 -23.94
C ILE B 607 -17.75 -25.29 -24.36
N SER B 608 -17.75 -25.02 -25.66
CA SER B 608 -18.00 -23.67 -26.14
C SER B 608 -19.36 -23.16 -25.68
N ALA B 609 -20.37 -24.03 -25.71
CA ALA B 609 -21.66 -23.67 -25.12
C ALA B 609 -21.53 -23.45 -23.63
N GLY B 610 -20.72 -24.26 -22.95
CA GLY B 610 -20.50 -24.05 -21.53
C GLY B 610 -19.79 -22.75 -21.23
N ILE B 611 -18.79 -22.40 -22.03
CA ILE B 611 -18.10 -21.12 -21.86
C ILE B 611 -19.07 -19.97 -22.09
N PHE B 612 -19.85 -20.05 -23.17
CA PHE B 612 -20.82 -19.00 -23.45
C PHE B 612 -21.85 -18.92 -22.34
N SER B 613 -22.36 -20.06 -21.90
CA SER B 613 -23.37 -20.07 -20.84
C SER B 613 -22.84 -19.40 -19.57
N ALA B 614 -21.65 -19.82 -19.12
CA ALA B 614 -21.09 -19.27 -17.89
C ALA B 614 -20.82 -17.78 -18.02
N THR B 615 -20.13 -17.37 -19.08
CA THR B 615 -19.75 -15.97 -19.23
C THR B 615 -20.98 -15.08 -19.35
N LEU B 616 -21.94 -15.48 -20.18
CA LEU B 616 -23.12 -14.65 -20.40
C LEU B 616 -24.00 -14.61 -19.16
N SER B 617 -24.14 -15.73 -18.45
CA SER B 617 -24.95 -15.74 -17.24
C SER B 617 -24.34 -14.82 -16.19
N SER B 618 -23.03 -14.90 -15.99
CA SER B 618 -22.38 -14.04 -15.00
C SER B 618 -22.46 -12.56 -15.41
N ALA B 619 -22.23 -12.28 -16.70
CA ALA B 619 -22.32 -10.91 -17.17
C ALA B 619 -23.72 -10.35 -17.00
N LEU B 620 -24.74 -11.15 -17.31
CA LEU B 620 -26.12 -10.69 -17.13
C LEU B 620 -26.46 -10.48 -15.66
N ALA B 621 -25.99 -11.38 -14.79
CA ALA B 621 -26.22 -11.21 -13.37
C ALA B 621 -25.61 -9.91 -12.87
N SER B 622 -24.36 -9.62 -13.27
CA SER B 622 -23.73 -8.39 -12.84
C SER B 622 -24.41 -7.17 -13.45
N LEU B 623 -24.85 -7.28 -14.70
CA LEU B 623 -25.47 -6.16 -15.40
C LEU B 623 -26.89 -5.89 -14.92
N VAL B 624 -27.50 -6.82 -14.21
CA VAL B 624 -28.77 -6.52 -13.55
C VAL B 624 -28.56 -6.15 -12.09
N SER B 625 -27.45 -6.60 -11.48
CA SER B 625 -27.20 -6.25 -10.09
C SER B 625 -26.72 -4.82 -9.94
N ALA B 626 -25.79 -4.38 -10.79
CA ALA B 626 -25.22 -3.04 -10.63
C ALA B 626 -26.25 -1.91 -10.80
N PRO B 627 -27.05 -1.86 -11.87
CA PRO B 627 -28.02 -0.75 -11.98
C PRO B 627 -29.05 -0.75 -10.88
N LYS B 628 -29.50 -1.92 -10.45
CA LYS B 628 -30.49 -1.99 -9.37
C LYS B 628 -29.92 -1.43 -8.08
N ILE B 629 -28.68 -1.81 -7.76
CA ILE B 629 -28.04 -1.31 -6.54
C ILE B 629 -27.81 0.19 -6.63
N PHE B 630 -27.36 0.67 -7.80
CA PHE B 630 -27.14 2.11 -7.94
C PHE B 630 -28.45 2.89 -7.82
N GLN B 631 -29.52 2.39 -8.42
CA GLN B 631 -30.81 3.07 -8.31
C GLN B 631 -31.31 3.07 -6.88
N ALA B 632 -31.17 1.95 -6.17
CA ALA B 632 -31.57 1.91 -4.78
C ALA B 632 -30.75 2.88 -3.94
N LEU B 633 -29.46 3.00 -4.24
CA LEU B 633 -28.61 3.96 -3.55
C LEU B 633 -29.04 5.39 -3.84
N CYS B 634 -29.43 5.67 -5.08
CA CYS B 634 -29.84 7.02 -5.44
C CYS B 634 -31.20 7.38 -4.87
N LYS B 635 -32.09 6.40 -4.68
CA LYS B 635 -33.36 6.67 -4.01
C LYS B 635 -33.14 7.13 -2.58
N ASP B 636 -32.20 6.50 -1.87
CA ASP B 636 -31.91 6.89 -0.49
C ASP B 636 -31.27 8.25 -0.38
N ASN B 637 -30.82 8.83 -1.49
CA ASN B 637 -30.18 10.15 -1.52
C ASN B 637 -28.97 10.20 -0.60
N ILE B 638 -28.22 9.11 -0.53
CA ILE B 638 -26.99 9.09 0.27
C ILE B 638 -25.99 10.09 -0.30
N TYR B 639 -25.81 10.09 -1.62
CA TYR B 639 -24.94 11.05 -2.30
C TYR B 639 -25.78 11.90 -3.23
N PRO B 640 -26.04 13.17 -2.90
CA PRO B 640 -26.89 14.00 -3.75
C PRO B 640 -26.33 14.23 -5.15
N ALA B 641 -25.02 14.03 -5.36
CA ALA B 641 -24.46 14.21 -6.69
C ALA B 641 -25.01 13.18 -7.67
N PHE B 642 -25.34 11.97 -7.20
CA PHE B 642 -25.83 10.89 -8.05
C PHE B 642 -27.34 10.85 -8.15
N GLN B 643 -28.04 11.82 -7.55
CA GLN B 643 -29.49 11.75 -7.46
C GLN B 643 -30.18 11.76 -8.82
N MET B 644 -29.53 12.32 -9.85
CA MET B 644 -30.15 12.36 -11.17
C MET B 644 -30.30 10.96 -11.76
N PHE B 645 -29.61 9.96 -11.21
CA PHE B 645 -29.73 8.59 -11.68
C PHE B 645 -30.85 7.83 -10.99
N ALA B 646 -31.58 8.48 -10.08
CA ALA B 646 -32.65 7.77 -9.36
C ALA B 646 -33.87 7.52 -10.24
N LYS B 647 -34.04 8.29 -11.31
CA LYS B 647 -35.23 8.15 -12.14
C LYS B 647 -35.23 6.81 -12.87
N GLY B 648 -36.39 6.17 -12.88
CA GLY B 648 -36.55 4.91 -13.59
C GLY B 648 -37.75 4.96 -14.51
N TYR B 649 -37.66 4.19 -15.58
CA TYR B 649 -38.69 4.16 -16.62
C TYR B 649 -39.35 2.78 -16.65
N GLY B 650 -40.49 2.72 -17.32
CA GLY B 650 -41.20 1.48 -17.52
C GLY B 650 -42.11 1.11 -16.36
N LYS B 651 -42.89 0.05 -16.59
CA LYS B 651 -43.81 -0.42 -15.56
C LYS B 651 -43.07 -1.03 -14.38
N ASN B 652 -41.92 -1.67 -14.62
CA ASN B 652 -41.15 -2.31 -13.58
C ASN B 652 -40.14 -1.38 -12.92
N ASN B 653 -40.17 -0.08 -13.26
CA ASN B 653 -39.24 0.91 -12.72
C ASN B 653 -37.79 0.52 -13.05
N GLU B 654 -37.53 0.40 -14.33
CA GLU B 654 -36.19 0.04 -14.80
C GLU B 654 -35.27 1.26 -14.73
N PRO B 655 -34.14 1.16 -14.05
CA PRO B 655 -33.20 2.31 -13.94
C PRO B 655 -32.42 2.55 -15.23
N LEU B 656 -33.11 3.13 -16.22
CA LEU B 656 -32.49 3.34 -17.53
C LEU B 656 -31.30 4.28 -17.42
N ARG B 657 -31.42 5.34 -16.61
CA ARG B 657 -30.27 6.20 -16.38
C ARG B 657 -29.14 5.44 -15.68
N GLY B 658 -29.49 4.60 -14.70
CA GLY B 658 -28.49 3.75 -14.07
C GLY B 658 -27.93 2.72 -15.03
N TYR B 659 -28.78 2.20 -15.92
CA TYR B 659 -28.31 1.23 -16.91
C TYR B 659 -27.30 1.86 -17.86
N ILE B 660 -27.50 3.14 -18.22
CA ILE B 660 -26.58 3.81 -19.11
C ILE B 660 -25.21 3.97 -18.46
N LEU B 661 -25.19 4.31 -17.16
CA LEU B 661 -23.91 4.51 -16.49
C LEU B 661 -23.10 3.21 -16.41
N THR B 662 -23.75 2.11 -16.01
CA THR B 662 -23.04 0.84 -15.95
C THR B 662 -22.67 0.36 -17.34
N PHE B 663 -23.50 0.64 -18.35
CA PHE B 663 -23.14 0.29 -19.72
C PHE B 663 -21.90 1.05 -20.16
N LEU B 664 -21.80 2.33 -19.83
CA LEU B 664 -20.61 3.11 -20.18
C LEU B 664 -19.38 2.61 -19.44
N ILE B 665 -19.52 2.27 -18.16
CA ILE B 665 -18.37 1.76 -17.41
C ILE B 665 -17.89 0.43 -18.00
N ALA B 666 -18.84 -0.47 -18.28
CA ALA B 666 -18.48 -1.76 -18.87
C ALA B 666 -17.85 -1.57 -20.24
N LEU B 667 -18.41 -0.69 -21.07
CA LEU B 667 -17.84 -0.45 -22.39
C LEU B 667 -16.42 0.10 -22.27
N GLY B 668 -16.21 1.07 -21.38
CA GLY B 668 -14.88 1.63 -21.21
C GLY B 668 -13.87 0.59 -20.78
N PHE B 669 -14.28 -0.33 -19.91
CA PHE B 669 -13.38 -1.41 -19.54
C PHE B 669 -13.30 -2.52 -20.57
N ILE B 670 -14.18 -2.52 -21.58
CA ILE B 670 -14.03 -3.45 -22.70
C ILE B 670 -13.07 -2.89 -23.75
N LEU B 671 -13.01 -1.55 -23.88
CA LEU B 671 -12.02 -0.96 -24.77
C LEU B 671 -10.60 -1.41 -24.45
N ILE B 672 -10.32 -1.72 -23.19
CA ILE B 672 -9.14 -2.50 -22.86
C ILE B 672 -9.55 -3.98 -22.91
N ALA B 673 -8.87 -4.75 -23.77
CA ALA B 673 -9.38 -6.04 -24.20
C ALA B 673 -8.45 -7.17 -23.78
N GLU B 674 -7.92 -7.10 -22.56
CA GLU B 674 -7.12 -8.18 -21.99
C GLU B 674 -7.80 -8.65 -20.72
N LEU B 675 -8.11 -9.95 -20.66
CA LEU B 675 -8.74 -10.50 -19.45
C LEU B 675 -7.78 -10.45 -18.27
N ASN B 676 -6.49 -10.67 -18.52
CA ASN B 676 -5.50 -10.72 -17.45
C ASN B 676 -5.21 -9.34 -16.84
N VAL B 677 -5.68 -8.26 -17.45
CA VAL B 677 -5.56 -6.93 -16.86
C VAL B 677 -6.87 -6.44 -16.28
N ILE B 678 -8.01 -6.85 -16.82
CA ILE B 678 -9.29 -6.50 -16.22
C ILE B 678 -9.50 -7.27 -14.93
N ALA B 679 -9.13 -8.56 -14.92
CA ALA B 679 -9.39 -9.40 -13.75
C ALA B 679 -8.77 -8.87 -12.45
N PRO B 680 -7.53 -8.37 -12.43
CA PRO B 680 -7.03 -7.78 -11.17
C PRO B 680 -7.86 -6.62 -10.66
N ILE B 681 -8.41 -5.79 -11.56
CA ILE B 681 -9.29 -4.70 -11.13
C ILE B 681 -10.55 -5.28 -10.48
N ILE B 682 -11.11 -6.32 -11.08
CA ILE B 682 -12.26 -7.00 -10.49
C ILE B 682 -11.91 -7.53 -9.11
N SER B 683 -10.73 -8.14 -8.98
CA SER B 683 -10.29 -8.65 -7.69
C SER B 683 -10.20 -7.53 -6.67
N ASN B 684 -9.60 -6.41 -7.07
CA ASN B 684 -9.44 -5.27 -6.16
C ASN B 684 -10.80 -4.80 -5.66
N PHE B 685 -11.75 -4.60 -6.57
CA PHE B 685 -13.01 -3.99 -6.16
C PHE B 685 -13.90 -4.98 -5.40
N PHE B 686 -13.88 -6.25 -5.77
CA PHE B 686 -14.68 -7.22 -5.03
C PHE B 686 -14.07 -7.52 -3.67
N LEU B 687 -12.74 -7.54 -3.57
CA LEU B 687 -12.11 -7.65 -2.27
C LEU B 687 -12.42 -6.45 -1.39
N ALA B 688 -12.46 -5.26 -2.00
CA ALA B 688 -12.87 -4.08 -1.26
C ALA B 688 -14.29 -4.22 -0.74
N SER B 689 -15.22 -4.66 -1.60
CA SER B 689 -16.60 -4.83 -1.17
C SER B 689 -16.71 -5.86 -0.04
N TYR B 690 -15.99 -6.97 -0.16
CA TYR B 690 -16.05 -8.01 0.87
C TYR B 690 -15.44 -7.53 2.18
N ALA B 691 -14.34 -6.77 2.10
CA ALA B 691 -13.77 -6.19 3.30
C ALA B 691 -14.72 -5.21 3.96
N LEU B 692 -15.39 -4.36 3.16
CA LEU B 692 -16.42 -3.49 3.70
C LEU B 692 -17.50 -4.28 4.42
N ILE B 693 -18.01 -5.35 3.81
CA ILE B 693 -19.09 -6.11 4.42
C ILE B 693 -18.62 -6.75 5.73
N ASN B 694 -17.45 -7.39 5.70
CA ASN B 694 -16.94 -8.07 6.90
C ASN B 694 -16.67 -7.07 8.01
N PHE B 695 -15.99 -5.97 7.69
CA PHE B 695 -15.67 -4.97 8.69
C PHE B 695 -16.93 -4.30 9.23
N SER B 696 -17.93 -4.08 8.38
CA SER B 696 -19.15 -3.45 8.83
C SER B 696 -19.92 -4.34 9.79
N VAL B 697 -20.01 -5.64 9.50
CA VAL B 697 -20.69 -6.52 10.45
C VAL B 697 -19.90 -6.64 11.74
N PHE B 698 -18.57 -6.68 11.65
CA PHE B 698 -17.75 -6.73 12.86
C PHE B 698 -17.93 -5.47 13.69
N HIS B 699 -17.95 -4.31 13.05
CA HIS B 699 -18.09 -3.05 13.76
C HIS B 699 -19.47 -2.93 14.38
N ALA B 700 -20.51 -3.38 13.69
CA ALA B 700 -21.84 -3.37 14.28
C ALA B 700 -21.91 -4.28 15.49
N SER B 701 -21.28 -5.45 15.42
CA SER B 701 -21.24 -6.34 16.57
C SER B 701 -20.47 -5.72 17.73
N LEU B 702 -19.36 -5.04 17.43
CA LEU B 702 -18.57 -4.40 18.48
C LEU B 702 -19.25 -3.16 19.04
N ALA B 703 -19.78 -2.31 18.16
CA ALA B 703 -20.46 -1.10 18.61
C ALA B 703 -21.78 -1.39 19.29
N LYS B 704 -22.29 -2.62 19.19
CA LYS B 704 -23.60 -2.97 19.74
C LYS B 704 -24.68 -2.04 19.22
N SER B 705 -24.78 -1.96 17.90
CA SER B 705 -25.74 -1.07 17.28
C SER B 705 -27.16 -1.50 17.64
N PRO B 706 -28.09 -0.56 17.80
CA PRO B 706 -29.46 -0.96 18.21
C PRO B 706 -30.14 -1.88 17.22
N GLY B 707 -29.91 -1.70 15.93
CA GLY B 707 -30.54 -2.50 14.92
C GLY B 707 -29.78 -3.75 14.51
N TRP B 708 -28.71 -4.10 15.23
CA TRP B 708 -27.87 -5.23 14.89
C TRP B 708 -28.08 -6.34 15.91
N ARG B 709 -28.78 -7.40 15.50
CA ARG B 709 -28.98 -8.58 16.33
C ARG B 709 -29.11 -9.80 15.42
N PRO B 710 -28.02 -10.23 14.80
CA PRO B 710 -28.10 -11.36 13.87
C PRO B 710 -28.49 -12.65 14.56
N ALA B 711 -29.24 -13.47 13.83
CA ALA B 711 -29.71 -14.76 14.33
C ALA B 711 -28.90 -15.93 13.80
N PHE B 712 -27.91 -15.68 12.94
CA PHE B 712 -27.13 -16.76 12.35
C PHE B 712 -26.27 -17.44 13.42
N LYS B 713 -26.33 -18.78 13.46
CA LYS B 713 -25.64 -19.51 14.50
C LYS B 713 -24.13 -19.52 14.28
N TYR B 714 -23.69 -19.56 13.02
CA TYR B 714 -22.27 -19.72 12.68
C TYR B 714 -21.63 -18.39 12.29
N TYR B 715 -22.09 -17.29 12.87
CA TYR B 715 -21.50 -15.98 12.65
C TYR B 715 -20.69 -15.57 13.88
N ASN B 716 -19.46 -15.16 13.67
CA ASN B 716 -18.60 -14.66 14.74
C ASN B 716 -18.00 -13.34 14.28
N MET B 717 -18.05 -12.33 15.15
CA MET B 717 -17.53 -11.02 14.79
C MET B 717 -16.02 -11.03 14.57
N TRP B 718 -15.29 -11.87 15.30
CA TRP B 718 -13.85 -11.93 15.13
C TRP B 718 -13.48 -12.60 13.81
N ILE B 719 -14.24 -13.60 13.38
CA ILE B 719 -14.00 -14.20 12.07
C ILE B 719 -14.29 -13.19 10.97
N SER B 720 -15.32 -12.37 11.13
CA SER B 720 -15.59 -11.31 10.16
C SER B 720 -14.45 -10.29 10.13
N LEU B 721 -13.93 -9.91 11.30
CA LEU B 721 -12.80 -9.00 11.32
C LEU B 721 -11.58 -9.61 10.64
N LEU B 722 -11.33 -10.90 10.89
CA LEU B 722 -10.24 -11.58 10.22
C LEU B 722 -10.42 -11.59 8.71
N GLY B 723 -11.65 -11.81 8.24
CA GLY B 723 -11.90 -11.77 6.82
C GLY B 723 -11.68 -10.40 6.21
N ALA B 724 -12.11 -9.35 6.91
CA ALA B 724 -11.86 -8.00 6.43
C ALA B 724 -10.37 -7.70 6.36
N ILE B 725 -9.62 -8.10 7.39
CA ILE B 725 -8.18 -7.90 7.40
C ILE B 725 -7.53 -8.65 6.25
N LEU B 726 -7.95 -9.89 6.03
CA LEU B 726 -7.40 -10.70 4.95
C LEU B 726 -7.66 -10.07 3.59
N CYS B 727 -8.89 -9.59 3.38
CA CYS B 727 -9.22 -8.95 2.11
C CYS B 727 -8.37 -7.70 1.89
N CYS B 728 -8.24 -6.87 2.92
CA CYS B 728 -7.44 -5.65 2.81
C CYS B 728 -5.98 -5.96 2.49
N ILE B 729 -5.38 -6.90 3.23
CA ILE B 729 -3.99 -7.23 3.01
C ILE B 729 -3.79 -7.80 1.61
N VAL B 730 -4.70 -8.66 1.18
CA VAL B 730 -4.58 -9.29 -0.13
C VAL B 730 -4.67 -8.23 -1.23
N MET B 731 -5.60 -7.27 -1.09
CA MET B 731 -5.77 -6.29 -2.15
C MET B 731 -4.61 -5.29 -2.20
N PHE B 732 -3.96 -5.00 -1.06
CA PHE B 732 -2.70 -4.27 -1.15
C PHE B 732 -1.58 -5.11 -1.76
N VAL B 733 -1.53 -6.41 -1.45
CA VAL B 733 -0.49 -7.26 -2.01
C VAL B 733 -0.61 -7.35 -3.52
N ILE B 734 -1.84 -7.44 -4.02
CA ILE B 734 -2.06 -7.52 -5.47
C ILE B 734 -1.62 -6.24 -6.15
N ASN B 735 -2.08 -5.10 -5.64
CA ASN B 735 -1.76 -3.81 -6.23
C ASN B 735 -1.90 -2.77 -5.14
N TRP B 736 -0.77 -2.23 -4.65
CA TRP B 736 -0.81 -1.39 -3.47
C TRP B 736 -1.46 -0.03 -3.76
N TRP B 737 -1.18 0.56 -4.92
CA TRP B 737 -1.70 1.90 -5.15
C TRP B 737 -3.18 1.87 -5.53
N ALA B 738 -3.62 0.84 -6.25
CA ALA B 738 -5.06 0.69 -6.52
C ALA B 738 -5.83 0.48 -5.22
N ALA B 739 -5.30 -0.37 -4.32
CA ALA B 739 -5.95 -0.59 -3.04
C ALA B 739 -5.95 0.69 -2.21
N LEU B 740 -4.84 1.44 -2.24
CA LEU B 740 -4.77 2.69 -1.49
C LEU B 740 -5.79 3.69 -2.01
N LEU B 741 -5.92 3.81 -3.34
CA LEU B 741 -6.91 4.71 -3.91
C LEU B 741 -8.32 4.28 -3.53
N THR B 742 -8.60 2.97 -3.61
CA THR B 742 -9.92 2.49 -3.24
C THR B 742 -10.24 2.78 -1.78
N TYR B 743 -9.27 2.59 -0.89
CA TYR B 743 -9.54 2.80 0.53
C TYR B 743 -9.64 4.28 0.88
N VAL B 744 -8.87 5.12 0.20
CA VAL B 744 -9.02 6.57 0.38
C VAL B 744 -10.40 7.00 -0.05
N ILE B 745 -10.87 6.50 -1.20
CA ILE B 745 -12.22 6.83 -1.65
C ILE B 745 -13.27 6.33 -0.66
N VAL B 746 -13.10 5.11 -0.15
CA VAL B 746 -14.06 4.54 0.79
C VAL B 746 -14.10 5.35 2.07
N LEU B 747 -12.93 5.72 2.60
CA LEU B 747 -12.90 6.52 3.82
C LEU B 747 -13.50 7.90 3.59
N GLY B 748 -13.25 8.51 2.42
CA GLY B 748 -13.86 9.78 2.12
C GLY B 748 -15.37 9.70 2.05
N LEU B 749 -15.89 8.64 1.43
CA LEU B 749 -17.34 8.44 1.39
C LEU B 749 -17.91 8.22 2.78
N TYR B 750 -17.25 7.40 3.59
CA TYR B 750 -17.75 7.10 4.93
C TYR B 750 -17.80 8.35 5.79
N ILE B 751 -16.78 9.19 5.71
CA ILE B 751 -16.74 10.41 6.50
C ILE B 751 -17.79 11.40 6.01
N TYR B 752 -17.99 11.49 4.69
CA TYR B 752 -18.97 12.41 4.14
C TYR B 752 -20.38 12.06 4.60
N VAL B 753 -20.73 10.78 4.57
CA VAL B 753 -22.07 10.36 4.99
C VAL B 753 -22.24 10.55 6.49
N THR B 754 -21.18 10.29 7.26
CA THR B 754 -21.27 10.42 8.71
C THR B 754 -21.61 11.85 9.12
N TYR B 755 -20.98 12.83 8.49
CA TYR B 755 -21.22 14.25 8.76
C TYR B 755 -21.96 14.84 7.57
N LYS B 756 -23.28 14.69 7.59
CA LYS B 756 -24.13 15.15 6.51
C LYS B 756 -25.38 15.81 7.10
N LYS B 757 -25.98 16.69 6.30
CA LYS B 757 -27.16 17.41 6.74
C LYS B 757 -28.39 16.50 6.77
NA NA C . 19.92 18.33 16.51
K K D . 15.23 16.39 12.59
CL CL E . 18.13 14.95 10.89
CL CL F . 8.31 16.24 15.20
N POV G . -21.44 19.42 8.77
P POV G . -19.98 20.74 4.19
C1 POV G . -17.86 19.36 3.49
C2 POV G . -17.55 18.20 2.53
C3 POV G . -18.29 18.42 1.21
C210 POV G . -8.12 10.21 4.26
C310 POV G . -13.25 11.18 -3.12
C11 POV G . -21.30 20.01 6.36
O11 POV G . -19.03 20.02 3.04
C211 POV G . -6.77 10.59 4.90
C311 POV G . -14.07 10.36 -4.17
C12 POV G . -21.43 18.85 7.40
O12 POV G . -20.42 19.61 5.32
C212 POV G . -6.04 9.30 5.37
C312 POV G . -13.53 10.68 -5.60
C13 POV G . -20.19 20.15 8.99
O13 POV G . -19.21 21.85 4.86
C213 POV G . -4.71 9.68 6.06
C313 POV G . -14.28 9.80 -6.64
C14 POV G . -22.60 20.33 8.92
O14 POV G . -21.22 21.31 3.53
C214 POV G . -5.02 10.37 7.42
C314 POV G . -13.45 9.73 -7.95
C15 POV G . -21.54 18.33 9.76
C215 POV G . -5.09 9.28 8.53
C315 POV G . -14.25 8.96 -9.03
C216 POV G . -3.66 8.99 9.07
C316 POV G . -13.35 8.71 -10.26
C217 POV G . -3.71 7.73 9.97
C218 POV G . -2.27 7.38 10.44
C21 POV G . -16.92 16.25 3.73
O21 POV G . -17.96 16.99 3.11
C22 POV G . -15.52 16.14 3.09
O22 POV G . -17.14 15.71 4.76
C23 POV G . -15.21 14.64 2.81
C24 POV G . -14.04 14.18 3.73
C25 POV G . -12.81 13.81 2.87
C26 POV G . -12.00 12.69 3.57
C27 POV G . -10.94 12.12 2.60
C28 POV G . -10.32 10.84 3.20
C29 POV G . -8.95 11.18 3.85
C31 POV G . -18.44 17.55 -0.98
O31 POV G . -17.72 17.58 0.22
C32 POV G . -17.92 16.69 -2.15
O32 POV G . -19.43 18.18 -1.11
C33 POV G . -18.58 15.29 -2.10
C34 POV G . -18.02 14.49 -0.88
C35 POV G . -16.48 14.66 -0.80
C36 POV G . -15.79 13.33 -1.22
C37 POV G . -15.88 11.89 -0.64
C38 POV G . -15.34 10.89 -1.70
C39 POV G . -13.78 10.92 -1.69
N POV H . 11.15 -1.68 0.51
P POV H . 8.84 -1.33 -3.93
C1 POV H . 6.51 -0.43 -4.80
C2 POV H . 6.67 0.10 -6.21
C3 POV H . 6.23 1.58 -6.25
C210 POV H . -0.76 7.21 -6.59
C310 POV H . 4.64 9.35 -7.66
C11 POV H . 9.65 -1.21 -1.43
O11 POV H . 7.34 -1.56 -4.61
C211 POV H . -1.01 6.63 -5.18
C311 POV H . 3.42 9.00 -6.76
C12 POV H . 9.88 -2.08 -0.15
O12 POV H . 8.85 -1.91 -2.37
C212 POV H . -2.53 6.47 -4.95
C312 POV H . 3.12 10.21 -5.83
C13 POV H . 12.29 -1.96 -0.39
O13 POV H . 9.18 0.14 -3.92
C213 POV H . -3.12 7.75 -4.33
C313 POV H . 2.12 11.18 -6.52
C14 POV H . 11.12 -0.23 0.82
O14 POV H . 9.87 -2.08 -4.75
C214 POV H . -4.49 7.44 -3.67
C314 POV H . 2.15 12.56 -5.80
C15 POV H . 11.32 -2.45 1.76
C215 POV H . -4.92 8.62 -2.75
C315 POV H . 2.11 12.37 -4.27
C216 POV H . -5.98 9.49 -3.46
C316 POV H . 3.30 13.11 -3.63
C217 POV H . -5.39 10.89 -3.82
C218 POV H . -4.83 10.87 -5.25
C21 POV H . 5.84 -0.15 -8.41
O21 POV H . 5.85 -0.64 -7.09
C22 POV H . 4.50 0.21 -9.10
O22 POV H . 6.85 -0.03 -9.02
C23 POV H . 4.59 1.64 -9.69
C24 POV H . 3.18 2.29 -9.67
C25 POV H . 3.32 3.81 -9.38
C26 POV H . 2.06 4.31 -8.62
C27 POV H . 2.43 5.51 -7.72
C28 POV H . 1.30 5.77 -6.70
C29 POV H . 0.31 6.81 -7.30
C31 POV H . 7.91 2.96 -5.32
O31 POV H . 6.72 2.25 -5.10
C32 POV H . 8.07 3.84 -6.58
O32 POV H . 8.81 2.87 -4.54
C33 POV H . 8.36 5.30 -6.15
C34 POV H . 9.20 6.00 -7.26
C35 POV H . 8.56 5.74 -8.65
C36 POV H . 7.74 6.99 -9.08
C37 POV H . 6.65 7.19 -10.17
C38 POV H . 5.67 8.30 -9.72
C39 POV H . 5.24 8.05 -8.25
N POV I . -15.55 26.20 9.43
P POV I . -16.59 25.26 4.66
C1 POV I . -15.22 25.75 2.45
C2 POV I . -16.00 26.03 1.16
C3 POV I . -17.25 25.13 1.10
C210 POV I . -7.96 18.20 -1.30
C310 POV I . -10.71 13.96 -0.83
C11 POV I . -15.78 26.29 6.95
O11 POV I . -15.90 24.79 3.22
C211 POV I . -7.80 17.01 -2.28
C311 POV I . -10.49 13.78 -2.35
C12 POV I . -15.36 25.42 8.17
O12 POV I . -15.40 25.65 5.75
C212 POV I . -6.30 16.73 -2.53
C312 POV I . -9.69 12.47 -2.62
C13 POV I . -15.26 25.32 10.58
O13 POV I . -17.44 24.14 5.21
C213 POV I . -6.16 15.41 -3.34
C313 POV I . -8.87 12.63 -3.93
C14 POV I . -14.63 27.36 9.45
O14 POV I . -17.46 26.48 4.42
C214 POV I . -4.71 15.30 -3.90
C314 POV I . -8.88 11.28 -4.72
C15 POV I . -16.94 26.67 9.52
C215 POV I . -3.69 15.42 -2.73
C315 POV I . -9.93 11.37 -5.86
C216 POV I . -2.32 15.90 -3.29
C316 POV I . -9.95 10.01 -6.63
C217 POV I . -1.29 14.73 -3.22
C218 POV I . -1.38 13.88 -4.49
C21 POV I . -14.21 26.74 -0.23
O21 POV I . -15.18 25.74 0.06
C22 POV I . -12.88 26.35 -0.90
O22 POV I . -14.43 27.87 0.05
C23 POV I . -13.03 24.94 -1.52
C24 POV I . -11.66 24.22 -1.53
C25 POV I . -11.87 22.69 -1.55
C26 POV I . -10.51 21.97 -1.33
C27 POV I . -10.73 20.66 -0.53
C28 POV I . -9.35 20.01 -0.24
C29 POV I . -9.15 18.81 -1.21
C31 POV I . -16.56 22.99 0.36
O31 POV I . -17.10 24.25 0.00
C32 POV I . -15.30 22.46 -0.35
O32 POV I . -17.08 22.35 1.22
C33 POV I . -15.58 21.06 -0.94
C34 POV I . -14.61 20.04 -0.29
C35 POV I . -14.89 18.63 -0.88
C36 POV I . -13.56 17.83 -0.99
C37 POV I . -13.13 16.68 -1.95
C38 POV I . -11.72 16.18 -1.57
C39 POV I . -11.86 14.98 -0.58
N POV J . -23.73 10.00 15.79
P POV J . -20.01 6.81 17.39
C1 POV J . -17.59 6.98 16.33
C2 POV J . -16.84 6.78 15.02
C3 POV J . -17.32 7.83 14.01
C210 POV J . -12.68 3.02 5.73
C310 POV J . -7.04 6.06 9.33
C11 POV J . -21.81 8.51 16.44
O11 POV J . -18.97 6.96 16.09
C211 POV J . -11.42 2.35 6.32
C311 POV J . -6.20 4.81 8.94
C12 POV J . -22.75 9.68 16.87
O12 POV J . -20.94 8.20 17.51
C212 POV J . -10.21 2.69 5.41
C312 POV J . -6.58 4.35 7.51
C13 POV J . -24.51 11.20 16.17
O13 POV J . -20.89 5.61 17.19
C213 POV J . -9.27 1.47 5.33
C313 POV J . -6.23 5.45 6.49
C14 POV J . -23.00 10.28 14.52
O14 POV J . -19.20 6.64 18.66
C214 POV J . -8.47 1.33 6.64
C314 POV J . -7.04 5.22 5.18
C15 POV J . -24.64 8.86 15.60
C215 POV J . -7.80 -0.08 6.70
C315 POV J . -6.15 5.52 3.94
C216 POV J . -6.69 -0.15 5.62
C316 POV J . -4.98 4.51 3.91
C217 POV J . -5.47 0.71 6.05
C218 POV J . -4.60 1.01 4.82
C21 POV J . -15.97 4.63 14.58
O21 POV J . -17.09 5.50 14.52
C22 POV J . -15.83 3.46 13.60
O22 POV J . -15.14 4.82 15.40
C23 POV J . -15.01 3.94 12.37
C24 POV J . -14.16 2.77 11.82
C25 POV J . -13.31 3.29 10.63
C26 POV J . -14.22 4.10 9.66
C27 POV J . -14.93 3.10 8.72
C28 POV J . -13.87 2.38 7.85
C29 POV J . -13.82 3.04 6.45
C31 POV J . -16.22 9.26 12.48
O31 POV J . -16.38 7.94 12.96
C32 POV J . -15.39 9.54 11.21
O32 POV J . -16.74 10.16 13.05
C33 POV J . -14.47 8.31 10.92
C34 POV J . -13.03 8.63 11.40
C35 POV J . -12.26 7.30 11.57
C36 POV J . -10.72 7.58 11.54
C37 POV J . -9.51 6.68 11.91
C38 POV J . -8.24 7.24 11.20
C39 POV J . -7.28 6.06 10.85
CAA Y01 K . 5.06 19.45 -2.18
CBA Y01 K . 4.79 20.59 -3.16
CAB Y01 K . 6.12 21.09 -3.72
CAN Y01 K . 3.91 20.06 -4.30
CAJ Y01 K . 4.69 19.01 -5.09
CAO Y01 K . 3.73 18.12 -5.88
CBB Y01 K . 4.40 17.65 -7.16
CAC Y01 K . 4.90 18.91 -7.91
CBE Y01 K . 5.55 16.70 -6.81
CAP Y01 K . 5.04 15.62 -5.83
CAQ Y01 K . 5.62 14.26 -6.31
CBG Y01 K . 6.76 14.70 -7.24
CBI Y01 K . 6.09 15.88 -8.00
CAE Y01 K . 4.93 15.37 -8.86
CAU Y01 K . 7.16 16.54 -8.86
CAS Y01 K . 7.76 15.50 -9.83
CBF Y01 K . 8.33 14.31 -9.08
CBD Y01 K . 7.25 13.65 -8.22
CAK Y01 K . 7.87 12.52 -7.41
CAI Y01 K . 8.68 11.61 -8.28
CAZ Y01 K . 9.15 11.95 -9.43
CAV Y01 K . 9.94 10.92 -10.21
CBH Y01 K . 8.95 13.31 -10.04
CAD Y01 K . 8.02 13.15 -11.25
CAT Y01 K . 10.29 13.84 -10.55
CAR Y01 K . 10.96 12.82 -11.46
CBC Y01 K . 11.26 11.54 -10.67
OAW Y01 K . 11.96 10.60 -11.51
CAY Y01 K . 13.18 10.20 -11.10
OAG Y01 K . 13.28 9.45 -10.17
CAM Y01 K . 14.40 10.69 -11.81
CAL Y01 K . 14.52 10.00 -13.17
CAX Y01 K . 15.40 10.82 -14.08
OAH Y01 K . 14.98 12.01 -14.54
OAF Y01 K . 16.49 10.40 -14.40
CAA Y01 L . 23.28 28.26 4.58
CBA Y01 L . 22.63 29.21 3.57
CAB Y01 L . 21.46 29.93 4.22
CAN Y01 L . 23.67 30.22 3.10
CAJ Y01 L . 24.41 29.67 1.87
CAO Y01 L . 23.78 30.27 0.60
CBB Y01 L . 24.83 30.95 -0.28
CAC Y01 L . 25.99 31.48 0.57
CBE Y01 L . 25.37 29.98 -1.33
CAP Y01 L . 24.32 28.89 -1.69
CAQ Y01 L . 24.27 28.81 -3.24
CBG Y01 L . 25.60 29.45 -3.65
CBI Y01 L . 25.64 30.67 -2.67
CAE Y01 L . 24.50 31.64 -2.99
CAU Y01 L . 26.98 31.35 -2.83
CAS Y01 L . 27.14 31.82 -4.28
CBF Y01 L . 27.03 30.65 -5.24
CBD Y01 L . 25.68 29.93 -5.08
CAK Y01 L . 25.67 28.70 -6.00
CAI Y01 L . 26.21 28.99 -7.37
CAZ Y01 L . 26.90 30.05 -7.68
CAV Y01 L . 27.36 30.20 -9.12
CBH Y01 L . 27.22 31.12 -6.68
CAD Y01 L . 26.27 32.31 -6.92
CAT Y01 L . 28.64 31.65 -6.86
CAR Y01 L . 28.85 32.02 -8.32
CBC Y01 L . 28.79 30.74 -9.16
OAW Y01 L . 29.16 31.04 -10.53
CAY Y01 L . 30.45 30.96 -10.87
OAG Y01 L . 31.29 31.53 -10.22
CAM Y01 L . 30.86 30.14 -12.06
CAL Y01 L . 30.87 31.02 -13.31
CAX Y01 L . 32.28 31.24 -13.76
OAH Y01 L . 33.16 31.84 -12.95
OAF Y01 L . 32.63 30.87 -14.86
CAA Y01 M . 23.69 30.31 8.78
CBA Y01 M . 24.92 31.22 8.63
CAB Y01 M . 25.70 31.25 9.95
CAN Y01 M . 24.46 32.63 8.27
CAJ Y01 M . 25.68 33.50 7.96
CAO Y01 M . 26.08 33.31 6.49
CBB Y01 M . 27.60 33.53 6.37
CAC Y01 M . 28.28 32.44 7.19
CBE Y01 M . 28.01 33.46 4.89
CAP Y01 M . 26.97 34.14 3.98
CAQ Y01 M . 27.76 35.05 2.99
CBG Y01 M . 29.19 34.49 3.08
CBI Y01 M . 29.31 34.22 4.60
CAE Y01 M . 29.31 35.55 5.39
CAU Y01 M . 30.59 33.46 4.82
CAS Y01 M . 31.77 34.32 4.35
CBF Y01 M . 31.63 34.69 2.88
CBD Y01 M . 30.30 35.42 2.63
CAK Y01 M . 30.17 35.67 1.12
CAI Y01 M . 31.43 36.27 0.55
CAZ Y01 M . 32.59 36.22 1.13
CAV Y01 M . 33.77 36.89 0.45
CBH Y01 M . 32.82 35.54 2.44
CAD Y01 M . 33.06 36.62 3.51
CAT Y01 M . 34.07 34.66 2.38
CAR Y01 M . 35.25 35.48 1.88
CBC Y01 M . 34.96 35.93 0.45
OAW Y01 M . 36.14 36.59 -0.14
CAY Y01 M . 36.93 37.34 0.64
OAG Y01 M . 36.48 38.28 1.26
CAM Y01 M . 38.41 37.05 0.72
CAL Y01 M . 38.66 35.54 0.88
CAX Y01 M . 40.07 35.31 1.34
OAH Y01 M . 41.11 35.75 0.61
OAF Y01 M . 40.27 34.72 2.37
NA NA N . -21.74 -17.53 -14.99
K K O . -17.65 -15.37 -10.55
CL CL P . -20.35 -11.13 -5.13
CL CL Q . -15.31 -16.16 -13.26
N POV R . 0.59 -4.01 -11.11
P POV R . 3.92 -5.44 -7.79
C1 POV R . 4.03 -6.19 -5.26
C2 POV R . 3.84 -7.41 -4.36
C3 POV R . 4.33 -7.07 -2.95
C210 POV R . 0.85 -11.78 2.76
C310 POV R . 2.49 -6.88 4.96
C11 POV R . 2.02 -4.11 -9.07
O11 POV R . 4.03 -6.60 -6.62
C211 POV R . 1.56 -12.36 4.00
C311 POV R . 1.23 -7.25 5.79
C12 POV R . 0.66 -4.53 -9.71
O12 POV R . 2.34 -4.97 -7.99
C212 POV R . 0.50 -12.81 5.04
C312 POV R . 0.78 -6.00 6.62
C13 POV R . 0.66 -2.53 -11.10
O13 POV R . 4.75 -4.24 -7.41
C213 POV R . -0.06 -11.55 5.75
C313 POV R . -0.23 -6.44 7.72
C14 POV R . 1.70 -4.56 -11.91
O14 POV R . 4.43 -6.00 -9.11
C214 POV R . -0.05 -11.78 7.29
C314 POV R . 0.46 -7.46 8.68
C15 POV R . -0.70 -4.43 -11.72
C215 POV R . 1.43 -11.98 7.77
C315 POV R . -0.62 -8.32 9.38
C216 POV R . 2.13 -10.59 7.84
C316 POV R . 0.04 -9.17 10.49
C217 POV R . 3.34 -10.67 8.81
C218 POV R . 3.84 -9.25 9.15
C21 POV R . 3.88 -9.73 -4.87
O21 POV R . 4.57 -8.49 -4.88
C22 POV R . 3.95 -10.63 -3.61
O22 POV R . 3.26 -10.07 -5.81
C23 POV R . 5.19 -11.55 -3.71
C24 POV R . 5.31 -12.40 -2.41
C25 POV R . 5.60 -11.45 -1.22
C26 POV R . 5.04 -12.08 0.08
C27 POV R . 3.49 -11.94 0.06
C28 POV R . 2.92 -12.30 1.47
C29 POV R . 1.49 -11.74 1.58
C31 POV R . 6.63 -7.22 -2.42
O31 POV R . 5.42 -7.90 -2.61
C32 POV R . 7.88 -7.99 -1.93
O32 POV R . 6.70 -6.05 -2.62
C33 POV R . 8.54 -7.22 -0.76
C34 POV R . 8.12 -7.87 0.59
C35 POV R . 6.78 -7.25 1.06
C36 POV R . 5.80 -8.38 1.48
C37 POV R . 4.31 -8.34 1.91
C38 POV R . 4.21 -7.82 3.37
C39 POV R . 2.75 -7.97 3.89
N POV S . -18.62 -1.42 24.45
P POV S . -14.99 -4.93 24.06
C1 POV S . -12.69 -3.85 23.34
C2 POV S . -12.31 -4.72 22.13
C3 POV S . -11.54 -5.94 22.63
C210 POV S . -8.41 -3.60 10.15
C310 POV S . -2.49 -3.03 16.87
C11 POV S . -17.07 -3.29 23.84
O11 POV S . -13.37 -4.63 24.30
C211 POV S . -8.44 -2.98 8.74
C311 POV S . -1.80 -4.09 17.79
C12 POV S . -17.19 -1.85 24.42
O12 POV S . -15.71 -3.54 23.52
C212 POV S . -8.92 -4.06 7.71
C312 POV S . -0.35 -3.63 18.11
C13 POV S . -19.43 -2.43 25.18
O13 POV S . -15.15 -6.04 23.04
C213 POV S . -9.66 -3.35 6.56
C313 POV S . 0.53 -4.86 18.43
C14 POV S . -18.72 -0.12 25.15
O14 POV S . -15.61 -5.35 25.38
C214 POV S . -11.19 -3.47 6.82
C314 POV S . 0.97 -5.55 17.10
C15 POV S . -19.12 -1.28 23.07
C215 POV S . -11.87 -2.14 6.36
C315 POV S . 2.11 -4.74 16.45
C216 POV S . -12.88 -2.45 5.23
C316 POV S . 3.36 -4.74 17.37
C217 POV S . -13.82 -1.24 5.06
C218 POV S . -13.08 -0.13 4.31
C21 POV S . -11.63 -4.32 19.91
O21 POV S . -11.49 -3.97 21.27
C22 POV S . -10.90 -3.51 18.83
O22 POV S . -12.31 -5.23 19.60
C23 POV S . -10.21 -4.51 17.86
C24 POV S . -9.37 -3.72 16.82
C25 POV S . -10.32 -3.14 15.75
C26 POV S . -9.97 -3.77 14.38
C27 POV S . -9.28 -2.72 13.49
C28 POV S . -8.19 -3.40 12.63
C29 POV S . -8.22 -2.80 11.21
C31 POV S . -9.31 -6.61 23.10
O31 POV S . -10.23 -5.55 22.99
C32 POV S . -7.81 -6.33 23.26
O32 POV S . -9.71 -7.74 23.07
C33 POV S . -7.51 -4.90 22.77
C34 POV S . -6.65 -4.94 21.48
C35 POV S . -6.29 -3.50 21.06
C36 POV S . -6.70 -3.26 19.58
C37 POV S . -6.02 -3.70 18.25
C38 POV S . -4.69 -2.92 18.10
C39 POV S . -4.00 -3.35 16.77
N POV T . -22.41 -12.67 18.41
P POV T . -17.82 -13.37 20.59
C1 POV T . -16.36 -12.80 22.71
C2 POV T . -14.88 -12.48 22.86
C3 POV T . -14.07 -13.78 22.99
C210 POV T . -8.01 -7.57 19.08
C310 POV T . -7.33 -11.30 13.09
C11 POV T . -20.19 -13.04 19.48
O11 POV T . -16.82 -12.37 21.45
C211 POV T . -7.65 -8.41 17.83
C311 POV T . -5.78 -11.38 12.91
C12 POV T . -21.06 -12.06 18.64
O12 POV T . -18.90 -12.48 19.70
C212 POV T . -7.32 -7.44 16.67
C312 POV T . -5.44 -11.34 11.39
C13 POV T . -22.26 -13.96 17.71
O13 POV T . -16.98 -14.24 19.67
C213 POV T . -5.99 -7.86 15.99
C313 POV T . -3.92 -11.64 11.21
C14 POV T . -23.23 -11.75 17.60
O14 POV T . -18.58 -14.27 21.55
C214 POV T . -5.29 -6.58 15.45
C314 POV T . -3.54 -11.46 9.70
C15 POV T . -23.07 -12.90 19.71
C215 POV T . -4.87 -6.78 13.97
C315 POV T . -4.44 -12.38 8.82
C216 POV T . -3.98 -8.06 13.84
C316 POV T . -3.92 -12.34 7.37
C217 POV T . -2.86 -7.81 12.79
C218 POV T . -3.49 -7.33 11.46
C21 POV T . -14.63 -10.30 23.74
O21 POV T . -14.69 -11.68 24.00
C22 POV T . -13.74 -9.38 24.63
O22 POV T . -15.24 -9.83 22.85
C23 POV T . -12.33 -9.27 24.01
C24 POV T . -11.61 -10.64 24.06
C25 POV T . -11.38 -11.17 22.63
C26 POV T . -9.95 -10.78 22.15
C27 POV T . -10.06 -10.05 20.78
C28 POV T . -8.63 -9.71 20.24
C29 POV T . -8.46 -8.17 20.19
C31 POV T . -12.02 -14.45 22.00
O31 POV T . -13.35 -14.01 21.79
C32 POV T . -11.21 -14.99 20.81
O32 POV T . -11.54 -14.42 23.08
C33 POV T . -10.01 -14.05 20.52
C34 POV T . -10.22 -13.33 19.17
C35 POV T . -8.84 -12.92 18.58
C36 POV T . -8.97 -12.73 17.04
C37 POV T . -9.65 -11.61 16.20
C38 POV T . -9.21 -11.73 14.71
C39 POV T . -7.69 -11.46 14.59
CAA Y01 U . -6.02 -21.46 3.18
CBA Y01 U . -5.60 -21.69 4.64
CAB Y01 U . -6.81 -22.19 5.45
CAN Y01 U . -5.08 -20.38 5.25
CAJ Y01 U . -4.00 -19.80 4.35
CAO Y01 U . -3.07 -18.89 5.15
CBB Y01 U . -1.61 -19.18 4.75
CAC Y01 U . -1.37 -20.68 4.95
CBE Y01 U . -1.41 -18.74 3.28
CAP Y01 U . -1.90 -17.28 3.13
CAQ Y01 U . -0.83 -16.53 2.28
CBG Y01 U . -0.08 -17.71 1.63
CBI Y01 U . 0.05 -18.69 2.83
CAE Y01 U . 0.94 -18.08 3.93
CAU Y01 U . 0.66 -19.98 2.30
CAS Y01 U . 2.02 -19.69 1.63
CBF Y01 U . 1.88 -18.65 0.52
CBD Y01 U . 1.29 -17.36 1.07
CAK Y01 U . 1.07 -16.39 -0.08
CAI Y01 U . 2.34 -16.23 -0.88
CAZ Y01 U . 3.28 -17.11 -0.91
CAV Y01 U . 4.50 -16.82 -1.75
CBH Y01 U . 3.23 -18.40 -0.15
CAD Y01 U . 4.32 -18.35 0.92
CAT Y01 U . 3.55 -19.55 -1.12
CAR Y01 U . 4.88 -19.27 -1.83
CBC Y01 U . 4.77 -18.00 -2.67
OAW Y01 U . 6.02 -17.77 -3.38
CAY Y01 U . 6.22 -18.44 -4.52
OAG Y01 U . 5.48 -18.27 -5.46
CAM Y01 U . 7.39 -19.39 -4.62
CAL Y01 U . 7.58 -19.80 -6.09
CAX Y01 U . 8.54 -20.97 -6.14
OAH Y01 U . 8.45 -21.95 -5.22
OAF Y01 U . 9.38 -21.02 -7.01
CAA Y01 V . -15.34 -32.54 -8.61
CBA Y01 V . -14.83 -32.58 -10.04
CAB Y01 V . -15.61 -31.56 -10.89
CAN Y01 V . -15.04 -33.97 -10.63
CAJ Y01 V . -14.19 -34.99 -9.86
CAO Y01 V . -12.74 -34.88 -10.30
CBB Y01 V . -12.15 -36.27 -10.53
CAC Y01 V . -13.01 -36.99 -11.58
CBE Y01 V . -10.71 -36.16 -11.02
CAP Y01 V . -10.02 -34.93 -10.38
CAQ Y01 V . -8.62 -35.41 -9.90
CBG Y01 V . -8.42 -36.69 -10.72
CBI Y01 V . -9.83 -37.33 -10.60
CAE Y01 V . -10.12 -37.71 -9.14
CAU Y01 V . -9.86 -38.57 -11.48
CAS Y01 V . -8.76 -39.54 -11.02
CBF Y01 V . -7.39 -38.88 -11.10
CBD Y01 V . -7.34 -37.64 -10.22
CAK Y01 V . -5.99 -36.93 -10.41
CAI Y01 V . -4.84 -37.90 -10.41
CAZ Y01 V . -4.97 -39.19 -10.54
CAV Y01 V . -3.69 -40.01 -10.51
CBH Y01 V . -6.30 -39.87 -10.69
CAD Y01 V . -6.67 -40.47 -9.35
CAT Y01 V . -6.22 -41.01 -11.71
CAR Y01 V . -5.05 -41.92 -11.37
CBC Y01 V . -3.75 -41.13 -11.55
OAW Y01 V . -2.61 -42.02 -11.34
CAY Y01 V . -2.30 -42.92 -12.28
OAG Y01 V . -2.86 -42.90 -13.35
CAM Y01 V . -1.23 -43.93 -12.01
CAL Y01 V . -1.16 -44.93 -13.17
CAX Y01 V . 0.20 -44.85 -13.82
OAH Y01 V . 0.62 -43.69 -14.36
OAF Y01 V . 0.91 -45.82 -13.85
CAA Y01 W . -21.14 -32.85 -13.53
CBA Y01 W . -20.67 -32.83 -12.06
CAB Y01 W . -20.17 -31.43 -11.71
CAN Y01 W . -19.53 -33.84 -11.88
CAJ Y01 W . -20.02 -35.24 -12.23
CAO Y01 W . -18.88 -36.24 -12.12
CBB Y01 W . -18.83 -37.12 -13.36
CAC Y01 W . -18.94 -36.22 -14.60
CBE Y01 W . -17.50 -37.90 -13.39
CAP Y01 W . -17.13 -38.42 -11.96
CAQ Y01 W . -16.72 -39.90 -12.12
CBG Y01 W . -16.41 -40.02 -13.62
CBI Y01 W . -17.57 -39.18 -14.23
CAE Y01 W . -18.92 -39.87 -14.01
CAU Y01 W . -17.27 -39.02 -15.70
CAS Y01 W . -17.24 -40.41 -16.36
CBF Y01 W . -16.19 -41.30 -15.72
CBD Y01 W . -16.42 -41.43 -14.21
CAK Y01 W . -15.26 -42.24 -13.62
CAI Y01 W . -15.06 -43.51 -14.37
CAZ Y01 W . -15.47 -43.70 -15.60
CAV Y01 W . -15.20 -45.05 -16.24
CBH Y01 W . -16.21 -42.67 -16.38
CAD Y01 W . -17.66 -43.13 -16.53
CAT Y01 W . -15.60 -42.55 -17.79
CAR Y01 W . -15.59 -43.93 -18.44
CBC Y01 W . -14.66 -44.85 -17.67
OAW Y01 W . -14.59 -46.14 -18.34
CAY Y01 W . -14.04 -46.16 -19.57
OAG Y01 W . -12.87 -45.89 -19.70
CAM Y01 W . -14.87 -46.50 -20.77
CAL Y01 W . -14.06 -46.25 -22.04
CAX Y01 W . -14.99 -45.91 -23.18
OAH Y01 W . -14.53 -45.86 -24.44
OAF Y01 W . -16.16 -45.68 -22.96
#